data_9AUS
#
_entry.id   9AUS
#
_cell.length_a   38.514
_cell.length_b   82.085
_cell.length_c   92.668
_cell.angle_alpha   63.950
_cell.angle_beta   88.690
_cell.angle_gamma   88.400
#
_symmetry.space_group_name_H-M   'P 1'
#
loop_
_entity.id
_entity.type
_entity.pdbx_description
1 polymer 'Fab BL3-6 heavy chain'
2 polymer 'Fab BL3-6 light chain'
3 polymer 'Loop-closed dumbbell RNA bridged by glycine'
4 non-polymer 'SULFATE ION'
5 non-polymer GLYCINE
6 water water
#
loop_
_entity_poly.entity_id
_entity_poly.type
_entity_poly.pdbx_seq_one_letter_code
_entity_poly.pdbx_strand_id
1 'polypeptide(L)'
;EVQLVESGGGLVQPGGSLRLSCAASGFYISYSSIHWVRQAPGKGLEWVASISPYSGSTYYADSVKGRFTISADTSKNTAY
LQMNSLRAEDTAVYYCARQGYRRRSGRGFDYWGQGTLVTVSSASTKGPSVFPLAPSSKSTSGGTAALGCLVKDYFPEPVT
VSWNSGALTSGVHTFPAVLQSSGLYSLSSVVTVPSSSLGTQTYICNVNHKPSNTKVDKKVEPKSC
;
H,A
2 'polypeptide(L)'
;SDIQMTQSPSSLSASVGDRVTITCRASQSVSSAVAWYQQKPGKAPKLLIYSASSLYSGVPSRFSGSRSGTDFTLTISSLQ
PEDFATYYCQQSYSFPSTFGQGTKVEIKRTVAAPSVFIFPPSDEQLKSGTASVVCLLNNFYPREAKVQWKVDNALQSGNS
QESVTEQDSKDSTYSLSSTLTLSKADYEKHKVYACEVTHQGLSSPVTKSFNRGEC
;
L,B
3 'polyribonucleotide' GGUUGAAACACGACCUGAGAAA R,C
#
loop_
_chem_comp.id
_chem_comp.type
_chem_comp.name
_chem_comp.formula
A RNA linking ADENOSINE-5'-MONOPHOSPHATE 'C10 H14 N5 O7 P'
C RNA linking CYTIDINE-5'-MONOPHOSPHATE 'C9 H14 N3 O8 P'
G RNA linking GUANOSINE-5'-MONOPHOSPHATE 'C10 H14 N5 O8 P'
SO4 non-polymer 'SULFATE ION' 'O4 S -2'
U RNA linking URIDINE-5'-MONOPHOSPHATE 'C9 H13 N2 O9 P'
#
# COMPACT_ATOMS: atom_id res chain seq x y z
N GLU A 1 -24.36 11.94 11.99
CA GLU A 1 -24.62 10.52 12.18
C GLU A 1 -23.43 9.84 12.86
N VAL A 2 -23.71 9.05 13.89
CA VAL A 2 -22.66 8.36 14.63
C VAL A 2 -22.00 7.34 13.71
N GLN A 3 -20.68 7.47 13.52
CA GLN A 3 -19.95 6.57 12.66
C GLN A 3 -18.52 6.41 13.17
N LEU A 4 -17.92 5.27 12.85
CA LEU A 4 -16.53 4.98 13.13
C LEU A 4 -15.85 4.59 11.83
N VAL A 5 -14.68 5.16 11.57
CA VAL A 5 -13.96 4.95 10.33
C VAL A 5 -12.57 4.43 10.67
N GLU A 6 -12.31 3.16 10.36
CA GLU A 6 -10.99 2.59 10.55
C GLU A 6 -10.09 2.95 9.37
N SER A 7 -8.78 2.94 9.64
CA SER A 7 -7.78 3.17 8.60
C SER A 7 -6.44 2.66 9.11
N GLY A 8 -5.47 2.62 8.20
CA GLY A 8 -4.14 2.15 8.53
C GLY A 8 -3.87 0.71 8.21
N GLY A 9 -4.87 -0.04 7.73
CA GLY A 9 -4.67 -1.42 7.36
C GLY A 9 -3.90 -1.57 6.06
N GLY A 10 -3.50 -2.80 5.79
CA GLY A 10 -2.74 -3.09 4.58
C GLY A 10 -1.93 -4.35 4.74
N LEU A 11 -0.98 -4.53 3.83
CA LEU A 11 -0.10 -5.69 3.82
C LEU A 11 1.18 -5.36 4.58
N VAL A 12 1.54 -6.21 5.53
CA VAL A 12 2.71 -5.99 6.37
C VAL A 12 3.45 -7.32 6.58
N GLN A 13 4.76 -7.23 6.73
CA GLN A 13 5.59 -8.40 6.95
C GLN A 13 5.36 -8.97 8.35
N PRO A 14 5.47 -10.28 8.51
CA PRO A 14 5.42 -10.86 9.86
C PRO A 14 6.56 -10.33 10.72
N GLY A 15 6.22 -10.01 11.97
CA GLY A 15 7.15 -9.37 12.86
C GLY A 15 7.22 -7.86 12.74
N GLY A 16 6.54 -7.27 11.75
CA GLY A 16 6.52 -5.84 11.58
C GLY A 16 5.49 -5.17 12.49
N SER A 17 5.34 -3.87 12.30
CA SER A 17 4.44 -3.06 13.11
C SER A 17 3.42 -2.38 12.21
N LEU A 18 2.26 -2.07 12.80
CA LEU A 18 1.20 -1.37 12.09
C LEU A 18 0.32 -0.67 13.11
N ARG A 19 -0.04 0.58 12.81
CA ARG A 19 -0.82 1.42 13.72
C ARG A 19 -2.16 1.71 13.06
N LEU A 20 -3.23 1.15 13.63
CA LEU A 20 -4.58 1.36 13.12
C LEU A 20 -5.21 2.56 13.80
N SER A 21 -6.00 3.31 13.04
CA SER A 21 -6.71 4.47 13.54
C SER A 21 -8.21 4.24 13.45
N CYS A 22 -8.96 4.91 14.32
CA CYS A 22 -10.42 4.81 14.37
C CYS A 22 -10.97 6.21 14.60
N ALA A 23 -11.29 6.90 13.51
CA ALA A 23 -11.81 8.26 13.58
C ALA A 23 -13.31 8.22 13.84
N ALA A 24 -13.75 8.89 14.90
CA ALA A 24 -15.15 8.89 15.29
C ALA A 24 -15.80 10.21 14.91
N SER A 25 -17.06 10.15 14.48
CA SER A 25 -17.84 11.33 14.16
C SER A 25 -19.25 11.16 14.72
N GLY A 26 -19.89 12.29 15.01
CA GLY A 26 -21.21 12.28 15.61
C GLY A 26 -21.23 12.09 17.11
N PHE A 27 -20.08 11.78 17.73
CA PHE A 27 -20.00 11.62 19.17
C PHE A 27 -18.55 11.81 19.59
N TYR A 28 -18.34 11.96 20.89
CA TYR A 28 -17.02 12.11 21.47
C TYR A 28 -16.63 10.81 22.17
N ILE A 29 -15.43 10.30 21.84
CA ILE A 29 -15.00 9.02 22.40
C ILE A 29 -14.66 9.12 23.87
N SER A 30 -14.49 10.33 24.40
CA SER A 30 -14.10 10.49 25.80
C SER A 30 -15.19 10.03 26.77
N TYR A 31 -16.42 9.89 26.30
CA TYR A 31 -17.53 9.46 27.14
C TYR A 31 -17.92 8.00 26.93
N SER A 32 -17.16 7.27 26.13
CA SER A 32 -17.50 5.89 25.80
C SER A 32 -16.26 5.02 25.89
N SER A 33 -16.49 3.72 26.09
CA SER A 33 -15.43 2.73 25.93
C SER A 33 -15.31 2.36 24.46
N ILE A 34 -14.07 2.30 23.97
CA ILE A 34 -13.79 1.94 22.58
C ILE A 34 -13.13 0.59 22.57
N HIS A 35 -13.63 -0.32 21.73
CA HIS A 35 -13.12 -1.67 21.62
C HIS A 35 -12.61 -1.93 20.22
N TRP A 36 -11.61 -2.81 20.12
CA TRP A 36 -11.15 -3.33 18.84
C TRP A 36 -11.54 -4.80 18.74
N VAL A 37 -12.24 -5.16 17.66
CA VAL A 37 -12.67 -6.52 17.41
C VAL A 37 -12.25 -6.90 16.00
N ARG A 38 -11.58 -8.03 15.85
CA ARG A 38 -11.11 -8.48 14.55
C ARG A 38 -11.85 -9.73 14.11
N GLN A 39 -11.73 -10.03 12.82
CA GLN A 39 -12.41 -11.18 12.23
C GLN A 39 -11.53 -11.70 11.10
N ALA A 40 -10.88 -12.82 11.34
CA ALA A 40 -10.07 -13.44 10.30
C ALA A 40 -10.97 -13.84 9.13
N PRO A 41 -10.42 -13.86 7.90
CA PRO A 41 -11.25 -14.17 6.72
C PRO A 41 -11.96 -15.52 6.83
N GLY A 42 -13.28 -15.48 6.93
CA GLY A 42 -14.09 -16.68 7.01
C GLY A 42 -14.31 -17.22 8.40
N LYS A 43 -13.94 -16.49 9.45
CA LYS A 43 -14.11 -16.92 10.83
C LYS A 43 -14.99 -15.92 11.58
N GLY A 44 -15.07 -16.09 12.91
CA GLY A 44 -15.92 -15.27 13.73
C GLY A 44 -15.18 -14.09 14.35
N LEU A 45 -15.93 -13.27 15.07
CA LEU A 45 -15.33 -12.12 15.74
C LEU A 45 -14.50 -12.57 16.93
N GLU A 46 -13.40 -11.85 17.15
CA GLU A 46 -12.52 -12.08 18.29
C GLU A 46 -12.20 -10.74 18.92
N TRP A 47 -12.56 -10.58 20.19
CA TRP A 47 -12.25 -9.35 20.90
C TRP A 47 -10.73 -9.21 21.04
N VAL A 48 -10.24 -7.99 20.88
CA VAL A 48 -8.80 -7.74 20.84
C VAL A 48 -8.40 -6.85 22.01
N ALA A 49 -8.97 -5.65 22.08
CA ALA A 49 -8.57 -4.70 23.10
C ALA A 49 -9.71 -3.72 23.35
N SER A 50 -9.62 -3.02 24.48
CA SER A 50 -10.58 -1.99 24.85
C SER A 50 -9.89 -0.97 25.73
N ILE A 51 -10.47 0.23 25.79
CA ILE A 51 -9.97 1.30 26.63
C ILE A 51 -11.16 1.98 27.32
N SER A 52 -11.03 2.23 28.62
CA SER A 52 -12.11 2.80 29.40
C SER A 52 -12.16 4.32 29.24
N PRO A 53 -13.35 4.92 29.35
CA PRO A 53 -13.51 6.33 28.96
C PRO A 53 -12.79 7.33 29.87
N TYR A 54 -12.95 7.21 31.19
CA TYR A 54 -12.47 8.24 32.09
C TYR A 54 -11.16 7.91 32.78
N SER A 55 -10.87 6.63 33.00
CA SER A 55 -9.63 6.23 33.63
C SER A 55 -8.52 5.94 32.63
N GLY A 56 -8.87 5.72 31.36
CA GLY A 56 -7.89 5.30 30.38
C GLY A 56 -7.39 3.89 30.55
N SER A 57 -8.04 3.10 31.39
CA SER A 57 -7.62 1.71 31.60
C SER A 57 -7.77 0.90 30.33
N THR A 58 -6.82 0.03 30.07
CA THR A 58 -6.79 -0.78 28.86
C THR A 58 -6.88 -2.25 29.21
N TYR A 59 -7.49 -3.02 28.31
CA TYR A 59 -7.62 -4.47 28.47
C TYR A 59 -7.32 -5.12 27.13
N TYR A 60 -6.72 -6.30 27.18
CA TYR A 60 -6.26 -6.98 25.98
C TYR A 60 -6.60 -8.46 26.04
N ALA A 61 -6.85 -9.04 24.88
CA ALA A 61 -6.97 -10.48 24.76
C ALA A 61 -5.62 -11.14 25.01
N ASP A 62 -5.67 -12.40 25.45
CA ASP A 62 -4.43 -13.10 25.81
C ASP A 62 -3.51 -13.28 24.60
N SER A 63 -4.09 -13.38 23.40
CA SER A 63 -3.28 -13.59 22.21
C SER A 63 -2.56 -12.33 21.73
N VAL A 64 -2.90 -11.16 22.26
CA VAL A 64 -2.32 -9.90 21.81
C VAL A 64 -1.70 -9.11 22.94
N LYS A 65 -1.75 -9.60 24.18
CA LYS A 65 -1.21 -8.85 25.31
C LYS A 65 0.30 -8.71 25.17
N GLY A 66 0.79 -7.50 25.41
CA GLY A 66 2.19 -7.15 25.25
C GLY A 66 2.56 -6.70 23.85
N ARG A 67 1.98 -7.34 22.83
CA ARG A 67 2.27 -6.96 21.45
C ARG A 67 1.42 -5.78 21.01
N PHE A 68 0.17 -5.70 21.46
CA PHE A 68 -0.75 -4.66 21.03
C PHE A 68 -0.92 -3.61 22.12
N THR A 69 -1.15 -2.37 21.68
CA THR A 69 -1.38 -1.26 22.59
C THR A 69 -2.54 -0.42 22.05
N ILE A 70 -3.62 -0.33 22.81
CA ILE A 70 -4.76 0.50 22.45
C ILE A 70 -4.66 1.83 23.19
N SER A 71 -5.07 2.90 22.52
CA SER A 71 -5.02 4.23 23.12
C SER A 71 -6.09 5.09 22.46
N ALA A 72 -6.38 6.23 23.09
CA ALA A 72 -7.37 7.16 22.59
C ALA A 72 -6.83 8.58 22.70
N ASP A 73 -7.08 9.38 21.68
CA ASP A 73 -6.72 10.80 21.66
C ASP A 73 -8.03 11.57 21.61
N THR A 74 -8.49 12.05 22.77
CA THR A 74 -9.76 12.75 22.84
C THR A 74 -9.72 14.07 22.06
N SER A 75 -8.55 14.71 21.99
CA SER A 75 -8.45 15.94 21.20
C SER A 75 -8.61 15.68 19.72
N LYS A 76 -8.27 14.47 19.26
CA LYS A 76 -8.45 14.08 17.87
C LYS A 76 -9.70 13.23 17.67
N ASN A 77 -10.42 12.90 18.76
CA ASN A 77 -11.62 12.06 18.70
C ASN A 77 -11.34 10.76 17.95
N THR A 78 -10.16 10.19 18.20
CA THR A 78 -9.69 9.03 17.47
C THR A 78 -9.05 8.03 18.42
N ALA A 79 -9.39 6.77 18.25
CA ALA A 79 -8.74 5.67 18.96
C ALA A 79 -7.70 5.02 18.07
N TYR A 80 -6.75 4.33 18.70
CA TYR A 80 -5.64 3.73 17.98
C TYR A 80 -5.40 2.30 18.47
N LEU A 81 -4.84 1.49 17.59
CA LEU A 81 -4.41 0.13 17.93
C LEU A 81 -3.00 -0.06 17.37
N GLN A 82 -2.00 0.14 18.22
CA GLN A 82 -0.62 -0.13 17.84
C GLN A 82 -0.37 -1.63 17.87
N MET A 83 -0.06 -2.20 16.72
CA MET A 83 0.17 -3.62 16.58
C MET A 83 1.65 -3.86 16.28
N ASN A 84 2.31 -4.63 17.13
CA ASN A 84 3.71 -4.98 16.95
C ASN A 84 3.86 -6.50 16.99
N SER A 85 5.01 -6.97 16.52
CA SER A 85 5.32 -8.40 16.47
C SER A 85 4.20 -9.17 15.78
N LEU A 86 3.74 -8.64 14.64
CA LEU A 86 2.59 -9.20 13.96
C LEU A 86 2.90 -10.60 13.42
N ARG A 87 1.93 -11.50 13.57
CA ARG A 87 2.02 -12.86 13.07
C ARG A 87 0.93 -13.08 12.02
N ALA A 88 1.03 -14.21 11.32
CA ALA A 88 0.01 -14.55 10.34
C ALA A 88 -1.36 -14.72 11.00
N GLU A 89 -1.39 -15.08 12.28
CA GLU A 89 -2.63 -15.20 13.02
C GLU A 89 -3.34 -13.86 13.20
N ASP A 90 -2.61 -12.76 13.04
CA ASP A 90 -3.20 -11.43 13.18
C ASP A 90 -3.90 -10.96 11.90
N THR A 91 -3.79 -11.72 10.80
CA THR A 91 -4.47 -11.36 9.57
C THR A 91 -5.97 -11.41 9.75
N ALA A 92 -6.63 -10.26 9.71
CA ALA A 92 -8.07 -10.19 9.96
C ALA A 92 -8.56 -8.82 9.53
N VAL A 93 -9.89 -8.71 9.45
CA VAL A 93 -10.53 -7.40 9.32
C VAL A 93 -10.71 -6.85 10.73
N TYR A 94 -10.17 -5.66 10.97
CA TYR A 94 -10.17 -5.08 12.31
C TYR A 94 -11.28 -4.02 12.39
N TYR A 95 -12.24 -4.25 13.28
CA TYR A 95 -13.29 -3.29 13.56
C TYR A 95 -12.98 -2.57 14.87
N CYS A 96 -13.29 -1.28 14.92
CA CYS A 96 -13.38 -0.56 16.18
C CYS A 96 -14.85 -0.35 16.50
N ALA A 97 -15.23 -0.62 17.74
CA ALA A 97 -16.63 -0.59 18.15
C ALA A 97 -16.79 0.31 19.36
N ARG A 98 -17.86 1.10 19.35
CA ARG A 98 -18.22 1.92 20.50
C ARG A 98 -19.10 1.10 21.43
N GLN A 99 -18.68 0.98 22.68
CA GLN A 99 -19.56 0.42 23.70
C GLN A 99 -20.63 1.45 24.02
N GLY A 100 -21.89 1.06 23.88
CA GLY A 100 -23.00 1.99 24.04
C GLY A 100 -23.08 2.54 25.45
N TYR A 101 -24.01 3.48 25.62
CA TYR A 101 -24.22 4.06 26.93
C TYR A 101 -24.91 3.04 27.84
N ARG A 102 -24.50 3.02 29.11
CA ARG A 102 -24.91 1.95 30.01
C ARG A 102 -26.42 1.90 30.19
N ARG A 103 -27.03 3.06 30.42
CA ARG A 103 -28.47 3.11 30.66
C ARG A 103 -29.26 2.74 29.42
N ARG A 104 -28.70 3.00 28.23
CA ARG A 104 -29.43 2.82 26.99
C ARG A 104 -29.15 1.49 26.30
N SER A 105 -27.96 0.91 26.50
CA SER A 105 -27.66 -0.36 25.85
C SER A 105 -26.73 -1.25 26.69
N GLY A 106 -26.63 -1.03 27.99
CA GLY A 106 -25.82 -1.90 28.83
C GLY A 106 -24.37 -1.85 28.39
N ARG A 107 -23.80 -3.01 28.08
CA ARG A 107 -22.42 -3.12 27.61
C ARG A 107 -22.34 -3.58 26.15
N GLY A 108 -23.45 -3.55 25.42
CA GLY A 108 -23.42 -3.94 24.03
C GLY A 108 -22.72 -2.91 23.16
N PHE A 109 -22.10 -3.40 22.09
CA PHE A 109 -21.39 -2.54 21.14
C PHE A 109 -22.41 -2.04 20.12
N ASP A 110 -22.89 -0.81 20.33
CA ASP A 110 -24.01 -0.31 19.52
C ASP A 110 -23.58 0.28 18.19
N TYR A 111 -22.30 0.59 18.01
CA TYR A 111 -21.82 1.16 16.76
C TYR A 111 -20.50 0.53 16.36
N TRP A 112 -20.43 0.05 15.13
CA TRP A 112 -19.23 -0.57 14.58
C TRP A 112 -18.78 0.19 13.35
N GLY A 113 -17.48 0.16 13.08
CA GLY A 113 -16.95 0.72 11.86
C GLY A 113 -17.02 -0.27 10.72
N GLN A 114 -16.68 0.21 9.52
CA GLN A 114 -16.66 -0.66 8.35
C GLN A 114 -15.54 -1.68 8.41
N GLY A 115 -14.55 -1.47 9.27
CA GLY A 115 -13.45 -2.40 9.38
C GLY A 115 -12.35 -2.12 8.38
N THR A 116 -11.12 -2.47 8.76
CA THR A 116 -9.97 -2.32 7.88
C THR A 116 -9.23 -3.65 7.81
N LEU A 117 -8.79 -4.01 6.60
CA LEU A 117 -8.17 -5.29 6.36
C LEU A 117 -6.68 -5.23 6.64
N VAL A 118 -6.20 -6.13 7.51
CA VAL A 118 -4.79 -6.26 7.82
C VAL A 118 -4.34 -7.64 7.37
N THR A 119 -3.36 -7.67 6.47
CA THR A 119 -2.81 -8.92 5.96
C THR A 119 -1.34 -9.01 6.36
N VAL A 120 -1.02 -10.01 7.16
CA VAL A 120 0.38 -10.22 7.61
C VAL A 120 0.96 -11.37 6.80
N SER A 121 1.86 -11.06 5.85
CA SER A 121 2.53 -12.09 5.01
C SER A 121 3.86 -11.55 4.50
N SER A 122 4.76 -12.46 4.17
CA SER A 122 6.06 -12.04 3.58
C SER A 122 5.94 -12.10 2.06
N ALA A 123 4.78 -12.53 1.56
CA ALA A 123 4.53 -12.60 0.11
C ALA A 123 4.51 -11.21 -0.49
N SER A 124 5.12 -11.08 -1.66
CA SER A 124 5.17 -9.78 -2.34
C SER A 124 3.83 -9.49 -3.02
N THR A 125 3.55 -8.21 -3.20
CA THR A 125 2.34 -7.84 -3.92
C THR A 125 2.46 -8.22 -5.39
N LYS A 126 1.36 -8.68 -5.98
CA LYS A 126 1.38 -9.14 -7.35
C LYS A 126 0.03 -8.85 -7.99
N GLY A 127 0.05 -8.18 -9.15
CA GLY A 127 -1.15 -7.90 -9.90
C GLY A 127 -1.67 -9.14 -10.60
N PRO A 128 -2.98 -9.21 -10.79
CA PRO A 128 -3.59 -10.40 -11.39
C PRO A 128 -3.51 -10.39 -12.90
N SER A 129 -3.41 -11.59 -13.47
CA SER A 129 -3.59 -11.81 -14.90
C SER A 129 -5.04 -12.19 -15.14
N VAL A 130 -5.69 -11.50 -16.07
CA VAL A 130 -7.11 -11.68 -16.35
C VAL A 130 -7.24 -12.42 -17.68
N PHE A 131 -7.89 -13.58 -17.65
CA PHE A 131 -8.14 -14.37 -18.84
C PHE A 131 -9.64 -14.54 -19.06
N PRO A 132 -10.11 -14.54 -20.30
CA PRO A 132 -11.54 -14.61 -20.56
C PRO A 132 -12.08 -16.04 -20.57
N LEU A 133 -13.26 -16.20 -19.99
CA LEU A 133 -14.03 -17.45 -20.07
C LEU A 133 -15.05 -17.27 -21.19
N ALA A 134 -14.63 -17.62 -22.41
CA ALA A 134 -15.46 -17.36 -23.57
C ALA A 134 -16.71 -18.21 -23.55
N PRO A 135 -17.87 -17.65 -23.91
CA PRO A 135 -19.09 -18.46 -23.95
C PRO A 135 -19.07 -19.46 -25.09
N SER A 136 -19.56 -20.66 -24.80
CA SER A 136 -19.56 -21.73 -25.80
C SER A 136 -20.72 -21.60 -26.79
N SER A 137 -21.89 -21.17 -26.32
CA SER A 137 -23.07 -21.12 -27.16
C SER A 137 -22.96 -20.01 -28.20
N LYS A 138 -23.96 -19.93 -29.07
CA LYS A 138 -24.02 -18.96 -30.16
C LYS A 138 -25.04 -17.89 -29.86
N SER A 139 -25.01 -16.84 -30.71
CA SER A 139 -25.97 -15.75 -30.60
C SER A 139 -27.39 -16.17 -30.92
N THR A 140 -27.59 -17.35 -31.52
CA THR A 140 -28.92 -17.81 -31.91
C THR A 140 -29.29 -19.15 -31.29
N SER A 141 -28.56 -19.60 -30.27
CA SER A 141 -28.89 -20.86 -29.61
C SER A 141 -30.28 -20.83 -28.96
N GLY A 142 -30.82 -19.63 -28.70
CA GLY A 142 -32.10 -19.48 -28.06
C GLY A 142 -32.13 -19.68 -26.56
N GLY A 143 -31.00 -20.01 -25.95
CA GLY A 143 -30.92 -20.22 -24.52
C GLY A 143 -30.22 -19.08 -23.82
N THR A 144 -29.69 -19.38 -22.64
CA THR A 144 -28.94 -18.43 -21.83
C THR A 144 -27.47 -18.82 -21.88
N ALA A 145 -26.62 -17.86 -22.19
CA ALA A 145 -25.18 -18.11 -22.28
C ALA A 145 -24.48 -17.72 -20.99
N ALA A 146 -23.31 -18.31 -20.78
CA ALA A 146 -22.50 -18.07 -19.60
C ALA A 146 -21.10 -17.67 -20.05
N LEU A 147 -20.62 -16.53 -19.56
CA LEU A 147 -19.28 -16.06 -19.84
C LEU A 147 -18.69 -15.49 -18.56
N GLY A 148 -17.39 -15.27 -18.55
CA GLY A 148 -16.76 -14.75 -17.37
C GLY A 148 -15.31 -14.38 -17.61
N CYS A 149 -14.64 -14.03 -16.50
CA CYS A 149 -13.23 -13.68 -16.50
C CYS A 149 -12.53 -14.45 -15.40
N LEU A 150 -11.30 -14.88 -15.67
CA LEU A 150 -10.49 -15.61 -14.71
C LEU A 150 -9.43 -14.65 -14.15
N VAL A 151 -9.62 -14.25 -12.90
CA VAL A 151 -8.68 -13.36 -12.21
C VAL A 151 -7.70 -14.26 -11.46
N LYS A 152 -6.49 -14.39 -11.99
CA LYS A 152 -5.55 -15.41 -11.54
C LYS A 152 -4.24 -14.78 -11.08
N ASP A 153 -3.67 -15.37 -10.02
CA ASP A 153 -2.31 -15.09 -9.57
C ASP A 153 -2.16 -13.61 -9.14
N TYR A 154 -2.77 -13.31 -8.00
CA TYR A 154 -2.61 -12.00 -7.39
C TYR A 154 -2.46 -12.16 -5.89
N PHE A 155 -1.89 -11.12 -5.27
CA PHE A 155 -1.74 -11.07 -3.82
C PHE A 155 -1.55 -9.62 -3.43
N PRO A 156 -2.18 -9.15 -2.34
CA PRO A 156 -3.10 -9.87 -1.47
C PRO A 156 -4.55 -9.61 -1.84
N GLU A 157 -5.47 -10.11 -1.02
CA GLU A 157 -6.87 -9.71 -1.11
C GLU A 157 -7.00 -8.23 -0.75
N PRO A 158 -8.05 -7.56 -1.25
CA PRO A 158 -9.11 -8.06 -2.14
C PRO A 158 -8.94 -7.59 -3.58
N VAL A 159 -9.73 -8.18 -4.48
CA VAL A 159 -9.83 -7.70 -5.84
C VAL A 159 -11.32 -7.48 -6.14
N THR A 160 -11.61 -6.50 -6.98
CA THR A 160 -12.97 -6.17 -7.34
C THR A 160 -13.18 -6.42 -8.82
N VAL A 161 -14.32 -7.02 -9.17
CA VAL A 161 -14.68 -7.32 -10.54
C VAL A 161 -16.07 -6.76 -10.81
N SER A 162 -16.17 -5.90 -11.81
CA SER A 162 -17.44 -5.40 -12.31
C SER A 162 -17.54 -5.73 -13.80
N TRP A 163 -18.77 -5.69 -14.31
CA TRP A 163 -19.03 -6.01 -15.70
C TRP A 163 -19.65 -4.80 -16.39
N ASN A 164 -19.09 -4.42 -17.54
CA ASN A 164 -19.56 -3.27 -18.31
C ASN A 164 -19.59 -2.01 -17.46
N SER A 165 -18.54 -1.82 -16.65
CA SER A 165 -18.42 -0.68 -15.76
C SER A 165 -19.63 -0.58 -14.82
N GLY A 166 -19.93 -1.68 -14.13
CA GLY A 166 -21.03 -1.71 -13.18
C GLY A 166 -22.42 -1.66 -13.77
N ALA A 167 -22.56 -1.49 -15.08
CA ALA A 167 -23.88 -1.43 -15.69
C ALA A 167 -24.56 -2.78 -15.69
N LEU A 168 -23.79 -3.87 -15.73
CA LEU A 168 -24.33 -5.22 -15.75
C LEU A 168 -24.19 -5.81 -14.35
N THR A 169 -25.32 -5.95 -13.64
CA THR A 169 -25.34 -6.47 -12.29
C THR A 169 -26.26 -7.67 -12.10
N SER A 170 -27.18 -7.92 -13.03
CA SER A 170 -28.09 -9.06 -12.92
C SER A 170 -27.43 -10.31 -13.48
N GLY A 171 -27.49 -11.39 -12.70
CA GLY A 171 -26.93 -12.66 -13.13
C GLY A 171 -25.43 -12.80 -12.97
N VAL A 172 -24.76 -11.84 -12.35
CA VAL A 172 -23.31 -11.90 -12.16
C VAL A 172 -22.99 -12.65 -10.88
N HIS A 173 -22.00 -13.53 -10.95
CA HIS A 173 -21.53 -14.27 -9.78
C HIS A 173 -20.02 -14.13 -9.71
N THR A 174 -19.54 -13.42 -8.68
CA THR A 174 -18.11 -13.26 -8.43
C THR A 174 -17.74 -14.18 -7.28
N PHE A 175 -17.00 -15.23 -7.57
CA PHE A 175 -16.70 -16.25 -6.58
C PHE A 175 -15.66 -15.75 -5.58
N PRO A 176 -15.69 -16.24 -4.35
CA PRO A 176 -14.66 -15.88 -3.39
C PRO A 176 -13.29 -16.34 -3.86
N ALA A 177 -12.26 -15.57 -3.49
CA ALA A 177 -10.90 -15.92 -3.87
C ALA A 177 -10.47 -17.20 -3.15
N VAL A 178 -9.74 -18.04 -3.88
CA VAL A 178 -9.19 -19.28 -3.32
C VAL A 178 -7.67 -19.17 -3.38
N LEU A 179 -7.01 -19.54 -2.29
CA LEU A 179 -5.56 -19.47 -2.22
C LEU A 179 -4.97 -20.71 -2.87
N GLN A 180 -4.21 -20.51 -3.95
CA GLN A 180 -3.59 -21.62 -4.66
C GLN A 180 -2.37 -22.12 -3.90
N SER A 181 -1.83 -23.25 -4.36
CA SER A 181 -0.65 -23.82 -3.73
C SER A 181 0.57 -22.92 -3.88
N SER A 182 0.59 -22.07 -4.89
CA SER A 182 1.70 -21.14 -5.10
C SER A 182 1.67 -19.95 -4.15
N GLY A 183 0.62 -19.81 -3.34
CA GLY A 183 0.47 -18.70 -2.44
C GLY A 183 -0.24 -17.49 -3.02
N LEU A 184 -0.64 -17.53 -4.28
CA LEU A 184 -1.36 -16.43 -4.91
C LEU A 184 -2.85 -16.74 -4.97
N TYR A 185 -3.65 -15.68 -4.91
CA TYR A 185 -5.10 -15.84 -4.95
C TYR A 185 -5.59 -15.94 -6.39
N SER A 186 -6.78 -16.51 -6.54
CA SER A 186 -7.40 -16.67 -7.85
C SER A 186 -8.91 -16.78 -7.66
N LEU A 187 -9.66 -16.19 -8.59
CA LEU A 187 -11.11 -16.31 -8.56
C LEU A 187 -11.65 -16.12 -9.98
N SER A 188 -12.88 -16.56 -10.17
CA SER A 188 -13.61 -16.35 -11.41
C SER A 188 -14.85 -15.52 -11.14
N SER A 189 -15.20 -14.67 -12.10
CA SER A 189 -16.43 -13.91 -12.07
C SER A 189 -17.22 -14.20 -13.34
N VAL A 190 -18.39 -14.81 -13.19
CA VAL A 190 -19.19 -15.25 -14.33
C VAL A 190 -20.51 -14.49 -14.31
N VAL A 191 -21.20 -14.53 -15.45
CA VAL A 191 -22.50 -13.89 -15.60
C VAL A 191 -23.28 -14.64 -16.66
N THR A 192 -24.58 -14.80 -16.43
CA THR A 192 -25.47 -15.44 -17.38
C THR A 192 -26.28 -14.38 -18.11
N VAL A 193 -26.22 -14.42 -19.44
CA VAL A 193 -26.91 -13.43 -20.27
C VAL A 193 -27.66 -14.16 -21.36
N PRO A 194 -28.70 -13.54 -21.92
CA PRO A 194 -29.40 -14.15 -23.06
C PRO A 194 -28.45 -14.34 -24.24
N SER A 195 -28.57 -15.49 -24.89
CA SER A 195 -27.75 -15.76 -26.08
C SER A 195 -28.05 -14.77 -27.20
N SER A 196 -29.27 -14.23 -27.23
CA SER A 196 -29.63 -13.23 -28.23
C SER A 196 -28.90 -11.90 -28.02
N SER A 197 -28.33 -11.69 -26.84
CA SER A 197 -27.61 -10.44 -26.56
C SER A 197 -26.22 -10.40 -27.17
N LEU A 198 -25.69 -11.53 -27.63
CA LEU A 198 -24.37 -11.56 -28.24
C LEU A 198 -24.38 -10.77 -29.54
N GLY A 199 -23.49 -9.79 -29.64
CA GLY A 199 -23.42 -8.92 -30.80
C GLY A 199 -24.07 -7.58 -30.52
N THR A 200 -25.30 -7.59 -30.00
CA THR A 200 -25.94 -6.35 -29.62
C THR A 200 -25.39 -5.80 -28.30
N GLN A 201 -24.90 -6.68 -27.43
CA GLN A 201 -24.34 -6.29 -26.15
C GLN A 201 -22.87 -6.69 -26.10
N THR A 202 -22.02 -5.75 -25.68
CA THR A 202 -20.61 -6.02 -25.43
C THR A 202 -20.40 -6.27 -23.94
N TYR A 203 -19.45 -7.16 -23.61
CA TYR A 203 -19.22 -7.59 -22.24
C TYR A 203 -17.77 -7.35 -21.86
N ILE A 204 -17.54 -6.37 -20.99
CA ILE A 204 -16.21 -6.01 -20.49
C ILE A 204 -16.18 -6.28 -19.00
N CYS A 205 -15.23 -7.12 -18.56
CA CYS A 205 -15.01 -7.32 -17.14
C CYS A 205 -13.93 -6.36 -16.66
N ASN A 206 -14.23 -5.63 -15.58
CA ASN A 206 -13.34 -4.61 -15.03
C ASN A 206 -12.74 -5.13 -13.74
N VAL A 207 -11.46 -5.45 -13.77
CA VAL A 207 -10.75 -6.00 -12.62
C VAL A 207 -9.89 -4.90 -12.01
N ASN A 208 -10.07 -4.64 -10.72
CA ASN A 208 -9.31 -3.62 -10.00
C ASN A 208 -8.69 -4.25 -8.77
N HIS A 209 -7.36 -4.32 -8.75
CA HIS A 209 -6.61 -4.83 -7.60
C HIS A 209 -5.82 -3.65 -7.04
N LYS A 210 -6.44 -2.92 -6.11
CA LYS A 210 -5.83 -1.70 -5.59
C LYS A 210 -4.49 -1.91 -4.90
N PRO A 211 -4.27 -2.96 -4.09
CA PRO A 211 -2.95 -3.11 -3.44
C PRO A 211 -1.78 -3.09 -4.41
N SER A 212 -1.93 -3.64 -5.60
CA SER A 212 -0.88 -3.63 -6.61
C SER A 212 -1.05 -2.51 -7.64
N ASN A 213 -2.09 -1.68 -7.49
CA ASN A 213 -2.36 -0.57 -8.42
C ASN A 213 -2.52 -1.08 -9.86
N THR A 214 -3.29 -2.15 -10.01
CA THR A 214 -3.54 -2.75 -11.32
C THR A 214 -5.02 -2.60 -11.66
N LYS A 215 -5.29 -2.01 -12.82
CA LYS A 215 -6.64 -1.98 -13.39
C LYS A 215 -6.57 -2.62 -14.77
N VAL A 216 -7.37 -3.67 -14.98
CA VAL A 216 -7.35 -4.42 -16.22
C VAL A 216 -8.79 -4.60 -16.69
N ASP A 217 -9.05 -4.26 -17.95
CA ASP A 217 -10.34 -4.47 -18.60
C ASP A 217 -10.14 -5.47 -19.72
N LYS A 218 -10.74 -6.65 -19.60
CA LYS A 218 -10.61 -7.71 -20.59
C LYS A 218 -11.93 -7.90 -21.31
N LYS A 219 -11.88 -7.93 -22.63
CA LYS A 219 -13.07 -8.12 -23.46
C LYS A 219 -13.32 -9.61 -23.65
N VAL A 220 -14.49 -10.08 -23.19
CA VAL A 220 -14.91 -11.47 -23.35
C VAL A 220 -15.84 -11.54 -24.55
N GLU A 221 -15.39 -12.22 -25.59
CA GLU A 221 -16.11 -12.33 -26.85
C GLU A 221 -16.27 -13.79 -27.21
N PRO A 222 -17.27 -14.11 -28.04
CA PRO A 222 -17.39 -15.50 -28.52
C PRO A 222 -16.13 -15.91 -29.28
N LYS A 223 -15.62 -17.09 -28.96
CA LYS A 223 -14.38 -17.55 -29.55
C LYS A 223 -14.55 -17.74 -31.06
N SER A 224 -13.48 -17.42 -31.80
CA SER A 224 -13.50 -17.42 -33.27
C SER A 224 -13.34 -18.84 -33.80
N CYS A 225 -14.38 -19.63 -33.64
CA CYS A 225 -14.37 -20.99 -34.14
C CYS A 225 -15.75 -21.43 -34.60
N SER B 1 -8.25 -18.49 34.03
CA SER B 1 -9.18 -19.12 33.09
C SER B 1 -10.29 -18.15 32.69
N ASP B 2 -10.24 -17.68 31.45
CA ASP B 2 -11.24 -16.75 30.95
C ASP B 2 -12.51 -17.49 30.55
N ILE B 3 -13.56 -16.72 30.26
CA ILE B 3 -14.88 -17.27 30.00
C ILE B 3 -14.96 -17.73 28.55
N GLN B 4 -15.64 -18.86 28.34
CA GLN B 4 -15.91 -19.38 27.01
C GLN B 4 -17.41 -19.23 26.71
N MET B 5 -17.73 -19.02 25.45
CA MET B 5 -19.11 -18.92 24.98
C MET B 5 -19.31 -19.96 23.89
N THR B 6 -20.01 -21.05 24.23
CA THR B 6 -20.26 -22.13 23.29
C THR B 6 -21.59 -21.87 22.58
N GLN B 7 -21.52 -21.51 21.31
CA GLN B 7 -22.70 -21.20 20.52
C GLN B 7 -23.12 -22.41 19.70
N SER B 8 -24.42 -22.69 19.70
CA SER B 8 -24.94 -23.84 18.99
C SER B 8 -26.30 -23.50 18.42
N PRO B 9 -26.60 -23.93 17.18
CA PRO B 9 -25.73 -24.68 16.27
C PRO B 9 -24.76 -23.77 15.53
N SER B 10 -23.78 -24.32 14.82
CA SER B 10 -22.88 -23.49 14.04
C SER B 10 -23.59 -22.92 12.82
N SER B 11 -24.62 -23.59 12.32
CA SER B 11 -25.39 -23.11 11.18
C SER B 11 -26.73 -23.83 11.17
N LEU B 12 -27.70 -23.22 10.50
CA LEU B 12 -29.01 -23.83 10.32
C LEU B 12 -29.67 -23.21 9.10
N SER B 13 -30.43 -24.03 8.38
CA SER B 13 -31.21 -23.58 7.22
C SER B 13 -32.68 -23.59 7.61
N ALA B 14 -33.33 -22.44 7.48
CA ALA B 14 -34.73 -22.30 7.87
C ALA B 14 -35.47 -21.48 6.82
N SER B 15 -36.78 -21.65 6.79
CA SER B 15 -37.63 -20.94 5.84
C SER B 15 -38.17 -19.65 6.45
N VAL B 16 -38.72 -18.80 5.58
CA VAL B 16 -39.34 -17.56 6.03
C VAL B 16 -40.54 -17.89 6.91
N GLY B 17 -40.62 -17.23 8.06
CA GLY B 17 -41.68 -17.46 9.02
C GLY B 17 -41.37 -18.49 10.07
N ASP B 18 -40.25 -19.21 9.95
CA ASP B 18 -39.88 -20.21 10.93
C ASP B 18 -39.49 -19.54 12.26
N ARG B 19 -39.58 -20.32 13.33
CA ARG B 19 -39.12 -19.90 14.64
C ARG B 19 -37.76 -20.55 14.91
N VAL B 20 -36.71 -19.75 14.92
CA VAL B 20 -35.35 -20.25 15.11
C VAL B 20 -34.86 -19.82 16.48
N THR B 21 -34.04 -20.67 17.10
CA THR B 21 -33.50 -20.43 18.43
C THR B 21 -32.00 -20.72 18.41
N ILE B 22 -31.20 -19.72 18.77
CA ILE B 22 -29.75 -19.85 18.87
C ILE B 22 -29.37 -19.76 20.33
N THR B 23 -28.56 -20.70 20.81
CA THR B 23 -28.21 -20.79 22.22
C THR B 23 -26.73 -20.55 22.43
N CYS B 24 -26.39 -19.97 23.58
CA CYS B 24 -25.01 -19.78 24.00
C CYS B 24 -24.89 -20.14 25.47
N ARG B 25 -23.95 -21.01 25.79
CA ARG B 25 -23.70 -21.44 27.16
C ARG B 25 -22.35 -20.90 27.62
N ALA B 26 -22.37 -20.09 28.68
CA ALA B 26 -21.14 -19.57 29.24
C ALA B 26 -20.49 -20.60 30.16
N SER B 27 -19.17 -20.74 30.04
CA SER B 27 -18.45 -21.72 30.85
C SER B 27 -18.51 -21.41 32.34
N GLN B 28 -18.82 -20.17 32.71
CA GLN B 28 -19.00 -19.81 34.10
C GLN B 28 -19.96 -18.63 34.17
N SER B 29 -20.16 -18.11 35.38
CA SER B 29 -21.14 -17.06 35.59
C SER B 29 -20.73 -15.77 34.87
N VAL B 30 -21.63 -15.26 34.03
CA VAL B 30 -21.46 -13.98 33.38
C VAL B 30 -22.59 -13.01 33.72
N SER B 31 -23.38 -13.34 34.74
CA SER B 31 -24.57 -12.57 35.14
C SER B 31 -25.46 -12.44 33.90
N SER B 32 -25.94 -11.26 33.55
CA SER B 32 -26.74 -11.04 32.35
C SER B 32 -26.02 -10.17 31.34
N ALA B 33 -24.70 -10.03 31.45
CA ALA B 33 -23.92 -9.17 30.55
C ALA B 33 -23.60 -9.91 29.25
N VAL B 34 -24.67 -10.29 28.54
CA VAL B 34 -24.56 -11.00 27.28
C VAL B 34 -25.25 -10.18 26.20
N ALA B 35 -24.58 -10.03 25.06
CA ALA B 35 -25.13 -9.31 23.92
C ALA B 35 -25.19 -10.23 22.71
N TRP B 36 -26.13 -9.95 21.81
CA TRP B 36 -26.29 -10.69 20.56
C TRP B 36 -26.14 -9.73 19.39
N TYR B 37 -25.44 -10.18 18.34
CA TYR B 37 -25.15 -9.36 17.19
C TYR B 37 -25.55 -10.07 15.91
N GLN B 38 -25.87 -9.27 14.89
CA GLN B 38 -26.20 -9.75 13.56
C GLN B 38 -25.20 -9.15 12.57
N GLN B 39 -24.61 -9.99 11.73
CA GLN B 39 -23.60 -9.55 10.77
C GLN B 39 -23.95 -10.09 9.38
N LYS B 40 -24.17 -9.17 8.44
CA LYS B 40 -24.35 -9.55 7.05
C LYS B 40 -22.98 -9.75 6.39
N PRO B 41 -22.89 -10.65 5.40
CA PRO B 41 -21.58 -10.91 4.77
C PRO B 41 -20.99 -9.63 4.17
N GLY B 42 -19.74 -9.37 4.52
CA GLY B 42 -19.05 -8.18 4.06
C GLY B 42 -19.37 -6.92 4.83
N LYS B 43 -20.29 -6.97 5.80
CA LYS B 43 -20.71 -5.80 6.55
C LYS B 43 -20.34 -5.95 8.01
N ALA B 44 -20.47 -4.85 8.74
CA ALA B 44 -20.16 -4.81 10.17
C ALA B 44 -21.32 -5.40 10.98
N PRO B 45 -21.02 -5.98 12.15
CA PRO B 45 -22.10 -6.50 13.00
C PRO B 45 -22.99 -5.38 13.51
N LYS B 46 -24.24 -5.76 13.83
CA LYS B 46 -25.23 -4.83 14.35
C LYS B 46 -25.75 -5.35 15.68
N LEU B 47 -25.91 -4.45 16.65
CA LEU B 47 -26.39 -4.85 17.96
C LEU B 47 -27.88 -5.18 17.90
N LEU B 48 -28.26 -6.34 18.42
CA LEU B 48 -29.65 -6.77 18.49
C LEU B 48 -30.17 -6.78 19.93
N ILE B 49 -29.52 -7.54 20.80
CA ILE B 49 -29.94 -7.70 22.19
C ILE B 49 -28.77 -7.33 23.09
N TYR B 50 -29.03 -6.54 24.12
CA TYR B 50 -28.06 -6.29 25.17
C TYR B 50 -28.63 -6.74 26.51
N SER B 51 -27.74 -6.93 27.47
CA SER B 51 -28.12 -7.37 28.81
C SER B 51 -28.99 -8.63 28.76
N ALA B 52 -28.57 -9.58 27.93
CA ALA B 52 -29.20 -10.90 27.80
C ALA B 52 -30.60 -10.86 27.20
N SER B 53 -31.46 -9.96 27.68
CA SER B 53 -32.86 -9.98 27.28
C SER B 53 -33.40 -8.65 26.77
N SER B 54 -32.63 -7.56 26.83
CA SER B 54 -33.13 -6.26 26.45
C SER B 54 -32.94 -6.01 24.96
N LEU B 55 -33.98 -5.49 24.32
CA LEU B 55 -33.97 -5.23 22.88
C LEU B 55 -33.35 -3.87 22.61
N TYR B 56 -32.31 -3.86 21.77
CA TYR B 56 -31.68 -2.60 21.40
C TYR B 56 -32.62 -1.75 20.56
N SER B 57 -32.47 -0.43 20.69
CA SER B 57 -33.37 0.50 20.00
C SER B 57 -33.29 0.32 18.50
N GLY B 58 -34.45 0.28 17.85
CA GLY B 58 -34.55 0.12 16.42
C GLY B 58 -34.65 -1.31 15.93
N VAL B 59 -34.29 -2.29 16.76
CA VAL B 59 -34.36 -3.70 16.37
C VAL B 59 -35.81 -4.16 16.45
N PRO B 60 -36.33 -4.84 15.42
CA PRO B 60 -37.73 -5.29 15.47
C PRO B 60 -37.96 -6.26 16.62
N SER B 61 -39.21 -6.31 17.09
CA SER B 61 -39.55 -7.08 18.28
C SER B 61 -39.55 -8.58 18.04
N ARG B 62 -39.36 -9.04 16.80
CA ARG B 62 -39.29 -10.48 16.56
C ARG B 62 -38.01 -11.08 17.12
N PHE B 63 -36.98 -10.26 17.36
CA PHE B 63 -35.77 -10.72 18.04
C PHE B 63 -35.98 -10.62 19.54
N SER B 64 -35.50 -11.63 20.26
CA SER B 64 -35.65 -11.66 21.71
C SER B 64 -34.55 -12.52 22.31
N GLY B 65 -34.07 -12.12 23.48
CA GLY B 65 -33.07 -12.88 24.21
C GLY B 65 -33.58 -13.26 25.58
N SER B 66 -33.04 -14.35 26.11
CA SER B 66 -33.45 -14.83 27.43
C SER B 66 -32.26 -15.47 28.13
N ARG B 67 -32.28 -15.41 29.45
CA ARG B 67 -31.24 -15.99 30.28
C ARG B 67 -31.83 -17.10 31.14
N SER B 68 -31.09 -18.20 31.28
CA SER B 68 -31.42 -19.30 32.18
C SER B 68 -30.13 -19.74 32.85
N GLY B 69 -29.77 -19.07 33.95
CA GLY B 69 -28.50 -19.32 34.61
C GLY B 69 -27.33 -18.89 33.76
N THR B 70 -26.61 -19.86 33.20
CA THR B 70 -25.53 -19.60 32.26
C THR B 70 -25.92 -19.90 30.82
N ASP B 71 -27.20 -20.21 30.58
CA ASP B 71 -27.70 -20.48 29.24
C ASP B 71 -28.38 -19.25 28.69
N PHE B 72 -27.99 -18.84 27.48
CA PHE B 72 -28.54 -17.66 26.84
C PHE B 72 -29.04 -18.03 25.45
N THR B 73 -30.23 -17.57 25.11
CA THR B 73 -30.91 -17.94 23.88
C THR B 73 -31.28 -16.70 23.08
N LEU B 74 -31.03 -16.75 21.78
CA LEU B 74 -31.52 -15.74 20.84
C LEU B 74 -32.63 -16.35 20.01
N THR B 75 -33.79 -15.69 19.99
CA THR B 75 -34.97 -16.23 19.34
C THR B 75 -35.50 -15.23 18.32
N ILE B 76 -35.74 -15.71 17.10
CA ILE B 76 -36.45 -14.96 16.07
C ILE B 76 -37.82 -15.60 15.94
N SER B 77 -38.87 -14.88 16.32
CA SER B 77 -40.21 -15.46 16.38
C SER B 77 -40.67 -15.91 15.00
N SER B 78 -40.65 -15.00 14.02
CA SER B 78 -41.03 -15.31 12.66
C SER B 78 -39.91 -14.84 11.74
N LEU B 79 -39.26 -15.78 11.06
CA LEU B 79 -38.09 -15.46 10.26
C LEU B 79 -38.48 -14.63 9.04
N GLN B 80 -37.75 -13.55 8.82
CA GLN B 80 -37.95 -12.64 7.70
C GLN B 80 -36.83 -12.80 6.68
N PRO B 81 -37.09 -12.43 5.41
CA PRO B 81 -36.04 -12.60 4.39
C PRO B 81 -34.79 -11.77 4.64
N GLU B 82 -34.87 -10.74 5.49
CA GLU B 82 -33.71 -9.93 5.82
C GLU B 82 -33.02 -10.36 7.11
N ASP B 83 -33.52 -11.41 7.76
CA ASP B 83 -32.92 -11.91 9.00
C ASP B 83 -31.87 -12.97 8.77
N PHE B 84 -31.54 -13.27 7.51
CA PHE B 84 -30.58 -14.32 7.19
C PHE B 84 -29.18 -13.74 7.17
N ALA B 85 -28.39 -14.11 8.17
CA ALA B 85 -27.02 -13.63 8.34
C ALA B 85 -26.35 -14.53 9.37
N THR B 86 -25.20 -14.10 9.89
CA THR B 86 -24.52 -14.80 10.96
C THR B 86 -24.76 -14.08 12.27
N TYR B 87 -25.11 -14.82 13.32
CA TYR B 87 -25.43 -14.25 14.62
C TYR B 87 -24.39 -14.66 15.64
N TYR B 88 -23.96 -13.69 16.45
CA TYR B 88 -22.92 -13.89 17.44
C TYR B 88 -23.42 -13.48 18.81
N CYS B 89 -23.05 -14.25 19.82
CA CYS B 89 -23.27 -13.88 21.22
C CYS B 89 -21.94 -13.44 21.83
N GLN B 90 -22.02 -12.53 22.79
CA GLN B 90 -20.84 -11.98 23.43
C GLN B 90 -21.13 -11.72 24.89
N GLN B 91 -20.22 -12.12 25.77
CA GLN B 91 -20.30 -11.77 27.18
C GLN B 91 -19.38 -10.60 27.45
N SER B 92 -19.87 -9.66 28.27
CA SER B 92 -19.08 -8.52 28.72
C SER B 92 -19.08 -8.42 30.24
N TYR B 93 -19.15 -9.57 30.92
CA TYR B 93 -19.14 -9.57 32.38
C TYR B 93 -17.76 -9.26 32.92
N SER B 94 -16.72 -9.78 32.28
CA SER B 94 -15.36 -9.52 32.71
C SER B 94 -14.43 -9.58 31.51
N PHE B 95 -13.26 -8.96 31.67
CA PHE B 95 -12.27 -9.00 30.60
C PHE B 95 -11.39 -10.23 30.74
N PRO B 96 -10.97 -10.85 29.63
CA PRO B 96 -11.24 -10.46 28.24
C PRO B 96 -12.63 -10.85 27.76
N SER B 97 -13.28 -9.99 26.97
CA SER B 97 -14.55 -10.34 26.38
C SER B 97 -14.37 -11.42 25.32
N THR B 98 -15.37 -12.28 25.18
CA THR B 98 -15.31 -13.37 24.23
C THR B 98 -16.61 -13.46 23.46
N PHE B 99 -16.51 -13.80 22.18
CA PHE B 99 -17.66 -14.01 21.33
C PHE B 99 -17.89 -15.50 21.11
N GLY B 100 -19.15 -15.86 20.87
CA GLY B 100 -19.43 -17.19 20.40
C GLY B 100 -18.88 -17.43 19.01
N GLN B 101 -18.80 -18.70 18.62
CA GLN B 101 -18.25 -19.04 17.32
C GLN B 101 -19.15 -18.61 16.17
N GLY B 102 -20.40 -18.25 16.46
CA GLY B 102 -21.30 -17.73 15.45
C GLY B 102 -22.26 -18.79 14.94
N THR B 103 -23.36 -18.31 14.37
CA THR B 103 -24.38 -19.18 13.79
C THR B 103 -24.86 -18.54 12.51
N LYS B 104 -24.57 -19.17 11.37
CA LYS B 104 -25.00 -18.66 10.08
C LYS B 104 -26.39 -19.20 9.77
N VAL B 105 -27.34 -18.29 9.55
CA VAL B 105 -28.73 -18.63 9.28
C VAL B 105 -28.96 -18.40 7.79
N GLU B 106 -29.22 -19.48 7.06
CA GLU B 106 -29.43 -19.44 5.63
C GLU B 106 -30.86 -19.82 5.30
N ILE B 107 -31.37 -19.30 4.19
CA ILE B 107 -32.76 -19.53 3.83
C ILE B 107 -32.89 -20.89 3.16
N LYS B 108 -33.84 -21.69 3.64
CA LYS B 108 -34.11 -22.98 3.06
C LYS B 108 -35.17 -22.82 1.96
N ARG B 109 -34.86 -23.32 0.77
CA ARG B 109 -35.76 -23.25 -0.37
C ARG B 109 -35.88 -24.63 -1.00
N THR B 110 -36.66 -24.71 -2.08
CA THR B 110 -36.82 -25.96 -2.80
C THR B 110 -35.53 -26.33 -3.53
N VAL B 111 -35.39 -27.62 -3.83
CA VAL B 111 -34.19 -28.12 -4.48
C VAL B 111 -34.16 -27.62 -5.92
N ALA B 112 -33.00 -27.09 -6.33
CA ALA B 112 -32.80 -26.60 -7.67
C ALA B 112 -31.57 -27.26 -8.29
N ALA B 113 -31.70 -27.71 -9.53
CA ALA B 113 -30.61 -28.38 -10.20
C ALA B 113 -29.62 -27.36 -10.77
N PRO B 114 -28.33 -27.69 -10.77
CA PRO B 114 -27.33 -26.74 -11.30
C PRO B 114 -27.25 -26.77 -12.82
N SER B 115 -27.17 -25.58 -13.40
CA SER B 115 -26.84 -25.43 -14.81
C SER B 115 -25.33 -25.48 -14.97
N VAL B 116 -24.82 -26.47 -15.70
CA VAL B 116 -23.39 -26.75 -15.78
C VAL B 116 -22.83 -26.16 -17.05
N PHE B 117 -21.67 -25.50 -16.93
CA PHE B 117 -20.97 -24.92 -18.05
C PHE B 117 -19.49 -25.26 -17.95
N ILE B 118 -18.88 -25.51 -19.10
CA ILE B 118 -17.44 -25.80 -19.18
C ILE B 118 -16.79 -24.74 -20.05
N PHE B 119 -15.60 -24.30 -19.65
CA PHE B 119 -14.88 -23.23 -20.35
C PHE B 119 -13.46 -23.72 -20.64
N PRO B 120 -13.07 -23.79 -21.90
CA PRO B 120 -11.68 -24.13 -22.23
C PRO B 120 -10.76 -22.95 -21.89
N PRO B 121 -9.49 -23.21 -21.62
CA PRO B 121 -8.57 -22.09 -21.36
C PRO B 121 -8.36 -21.26 -22.61
N SER B 122 -8.31 -19.94 -22.41
CA SER B 122 -8.13 -19.02 -23.52
C SER B 122 -6.75 -19.20 -24.13
N ASP B 123 -6.60 -18.75 -25.37
CA ASP B 123 -5.31 -18.85 -26.06
C ASP B 123 -4.22 -18.04 -25.38
N GLU B 124 -4.59 -17.00 -24.62
CA GLU B 124 -3.59 -16.17 -23.95
C GLU B 124 -2.91 -16.89 -22.80
N GLN B 125 -3.61 -17.81 -22.13
CA GLN B 125 -3.07 -18.39 -20.90
C GLN B 125 -2.02 -19.47 -21.17
N LEU B 126 -2.20 -20.29 -22.22
CA LEU B 126 -1.18 -21.28 -22.54
C LEU B 126 0.10 -20.61 -23.02
N LYS B 127 0.00 -19.40 -23.57
CA LYS B 127 1.20 -18.64 -23.90
C LYS B 127 1.99 -18.31 -22.63
N SER B 128 1.31 -18.22 -21.50
CA SER B 128 1.98 -18.01 -20.22
C SER B 128 2.48 -19.31 -19.59
N GLY B 129 2.16 -20.45 -20.17
CA GLY B 129 2.65 -21.74 -19.71
C GLY B 129 1.75 -22.47 -18.75
N THR B 130 0.56 -21.97 -18.46
CA THR B 130 -0.37 -22.59 -17.53
C THR B 130 -1.75 -22.67 -18.16
N ALA B 131 -2.46 -23.77 -17.89
CA ALA B 131 -3.81 -23.98 -18.40
C ALA B 131 -4.78 -24.14 -17.23
N SER B 132 -5.84 -23.36 -17.23
CA SER B 132 -6.89 -23.43 -16.22
C SER B 132 -8.21 -23.75 -16.90
N VAL B 133 -8.78 -24.92 -16.55
CA VAL B 133 -10.08 -25.33 -17.04
C VAL B 133 -11.11 -25.07 -15.94
N VAL B 134 -12.13 -24.30 -16.25
CA VAL B 134 -13.13 -23.86 -15.28
C VAL B 134 -14.45 -24.55 -15.58
N CYS B 135 -15.08 -25.09 -14.54
CA CYS B 135 -16.41 -25.68 -14.63
C CYS B 135 -17.34 -24.91 -13.71
N LEU B 136 -18.47 -24.45 -14.26
CA LEU B 136 -19.39 -23.58 -13.55
C LEU B 136 -20.68 -24.34 -13.23
N LEU B 137 -21.07 -24.31 -11.96
CA LEU B 137 -22.38 -24.78 -11.51
C LEU B 137 -23.16 -23.55 -11.08
N ASN B 138 -24.22 -23.24 -11.80
CA ASN B 138 -24.92 -21.97 -11.65
C ASN B 138 -26.31 -22.19 -11.06
N ASN B 139 -26.59 -21.48 -9.96
CA ASN B 139 -27.91 -21.41 -9.36
C ASN B 139 -28.48 -22.78 -9.02
N PHE B 140 -27.99 -23.38 -7.93
CA PHE B 140 -28.48 -24.67 -7.46
C PHE B 140 -28.72 -24.61 -5.95
N TYR B 141 -29.49 -25.59 -5.48
CA TYR B 141 -29.75 -25.76 -4.05
C TYR B 141 -30.09 -27.21 -3.80
N PRO B 142 -29.59 -27.83 -2.71
CA PRO B 142 -28.72 -27.26 -1.68
C PRO B 142 -27.28 -27.08 -2.15
N ARG B 143 -26.43 -26.56 -1.26
CA ARG B 143 -25.06 -26.22 -1.63
C ARG B 143 -24.20 -27.44 -1.91
N GLU B 144 -24.48 -28.57 -1.25
CA GLU B 144 -23.66 -29.76 -1.43
C GLU B 144 -23.74 -30.27 -2.87
N ALA B 145 -22.59 -30.61 -3.43
CA ALA B 145 -22.51 -31.07 -4.81
C ALA B 145 -21.16 -31.76 -5.02
N LYS B 146 -21.15 -32.69 -5.98
CA LYS B 146 -19.95 -33.44 -6.33
C LYS B 146 -19.48 -33.01 -7.72
N VAL B 147 -18.25 -32.51 -7.81
CA VAL B 147 -17.65 -32.08 -9.07
C VAL B 147 -16.39 -32.91 -9.27
N GLN B 148 -16.35 -33.67 -10.36
CA GLN B 148 -15.22 -34.52 -10.70
C GLN B 148 -14.65 -34.12 -12.05
N TRP B 149 -13.32 -34.11 -12.15
CA TRP B 149 -12.63 -33.83 -13.39
C TRP B 149 -12.12 -35.14 -13.98
N LYS B 150 -12.44 -35.38 -15.25
CA LYS B 150 -11.97 -36.55 -15.97
C LYS B 150 -11.35 -36.12 -17.28
N VAL B 151 -10.09 -36.49 -17.49
CA VAL B 151 -9.39 -36.24 -18.75
C VAL B 151 -9.07 -37.59 -19.39
N ASP B 152 -9.55 -37.80 -20.62
CA ASP B 152 -9.43 -39.08 -21.30
C ASP B 152 -9.86 -40.24 -20.41
N ASN B 153 -10.99 -40.04 -19.72
CA ASN B 153 -11.61 -40.97 -18.78
C ASN B 153 -10.79 -41.17 -17.51
N ALA B 154 -9.69 -40.45 -17.33
CA ALA B 154 -8.84 -40.59 -16.15
C ALA B 154 -9.25 -39.57 -15.10
N LEU B 155 -9.55 -40.05 -13.90
CA LEU B 155 -9.97 -39.17 -12.80
C LEU B 155 -8.81 -38.33 -12.30
N GLN B 156 -9.09 -37.06 -12.01
CA GLN B 156 -8.10 -36.12 -11.49
C GLN B 156 -8.34 -35.91 -10.00
N SER B 157 -7.24 -35.65 -9.28
CA SER B 157 -7.32 -35.42 -7.85
C SER B 157 -6.12 -34.62 -7.40
N GLY B 158 -6.36 -33.59 -6.59
CA GLY B 158 -5.29 -32.80 -6.00
C GLY B 158 -4.79 -31.66 -6.85
N ASN B 159 -5.42 -31.38 -8.00
CA ASN B 159 -4.98 -30.30 -8.88
C ASN B 159 -6.14 -29.38 -9.26
N SER B 160 -7.24 -29.42 -8.52
CA SER B 160 -8.40 -28.58 -8.77
C SER B 160 -8.84 -27.93 -7.47
N GLN B 161 -9.41 -26.72 -7.60
CA GLN B 161 -9.89 -25.98 -6.45
C GLN B 161 -11.35 -25.60 -6.66
N GLU B 162 -12.11 -25.61 -5.56
CA GLU B 162 -13.53 -25.31 -5.58
C GLU B 162 -13.80 -23.99 -4.86
N SER B 163 -14.83 -23.28 -5.32
CA SER B 163 -15.24 -22.03 -4.70
C SER B 163 -16.74 -21.86 -4.85
N VAL B 164 -17.43 -21.61 -3.74
CA VAL B 164 -18.87 -21.49 -3.72
C VAL B 164 -19.24 -20.08 -3.26
N THR B 165 -20.26 -19.51 -3.88
CA THR B 165 -20.75 -18.20 -3.50
C THR B 165 -21.63 -18.29 -2.25
N GLU B 166 -21.86 -17.14 -1.63
CA GLU B 166 -22.88 -17.04 -0.62
C GLU B 166 -24.26 -17.24 -1.25
N GLN B 167 -25.25 -17.50 -0.40
CA GLN B 167 -26.60 -17.70 -0.90
C GLN B 167 -27.12 -16.43 -1.56
N ASP B 168 -27.59 -16.57 -2.80
CA ASP B 168 -28.00 -15.42 -3.58
C ASP B 168 -29.17 -14.71 -2.92
N SER B 169 -29.20 -13.38 -3.07
CA SER B 169 -30.22 -12.57 -2.41
C SER B 169 -31.57 -12.69 -3.10
N LYS B 170 -31.62 -13.13 -4.36
CA LYS B 170 -32.86 -13.17 -5.13
C LYS B 170 -33.50 -14.56 -5.12
N ASP B 171 -32.83 -15.56 -5.69
CA ASP B 171 -33.38 -16.90 -5.79
C ASP B 171 -32.89 -17.84 -4.69
N SER B 172 -32.04 -17.34 -3.78
CA SER B 172 -31.57 -18.13 -2.64
C SER B 172 -30.80 -19.38 -3.07
N THR B 173 -30.15 -19.32 -4.23
CA THR B 173 -29.38 -20.43 -4.74
C THR B 173 -27.88 -20.20 -4.55
N TYR B 174 -27.12 -21.26 -4.74
CA TYR B 174 -25.67 -21.21 -4.68
C TYR B 174 -25.08 -21.39 -6.07
N SER B 175 -23.86 -20.91 -6.25
CA SER B 175 -23.08 -21.11 -7.46
C SER B 175 -21.70 -21.64 -7.09
N LEU B 176 -21.19 -22.56 -7.90
CA LEU B 176 -19.92 -23.21 -7.64
C LEU B 176 -19.04 -23.13 -8.87
N SER B 177 -17.75 -22.89 -8.66
CA SER B 177 -16.75 -22.89 -9.72
C SER B 177 -15.64 -23.84 -9.34
N SER B 178 -15.33 -24.78 -10.23
CA SER B 178 -14.22 -25.71 -10.05
C SER B 178 -13.20 -25.44 -11.15
N THR B 179 -11.95 -25.17 -10.75
CA THR B 179 -10.91 -24.77 -11.67
C THR B 179 -9.82 -25.84 -11.66
N LEU B 180 -9.66 -26.54 -12.78
CA LEU B 180 -8.59 -27.51 -12.95
C LEU B 180 -7.37 -26.80 -13.52
N THR B 181 -6.28 -26.79 -12.77
CA THR B 181 -5.06 -26.10 -13.16
C THR B 181 -4.01 -27.10 -13.59
N LEU B 182 -3.47 -26.91 -14.79
CA LEU B 182 -2.42 -27.78 -15.33
C LEU B 182 -1.40 -26.92 -16.04
N SER B 183 -0.18 -27.45 -16.14
CA SER B 183 0.84 -26.80 -16.95
C SER B 183 0.57 -27.04 -18.42
N LYS B 184 1.19 -26.21 -19.26
CA LYS B 184 1.02 -26.37 -20.71
C LYS B 184 1.54 -27.72 -21.17
N ALA B 185 2.66 -28.18 -20.58
CA ALA B 185 3.19 -29.48 -20.96
C ALA B 185 2.24 -30.60 -20.56
N ASP B 186 1.57 -30.48 -19.42
CA ASP B 186 0.61 -31.49 -18.99
C ASP B 186 -0.73 -31.32 -19.69
N TYR B 187 -1.09 -30.09 -20.08
CA TYR B 187 -2.36 -29.87 -20.75
C TYR B 187 -2.39 -30.47 -22.15
N GLU B 188 -1.27 -30.36 -22.88
CA GLU B 188 -1.23 -30.82 -24.27
C GLU B 188 -1.01 -32.32 -24.41
N LYS B 189 -0.70 -33.03 -23.33
CA LYS B 189 -0.54 -34.48 -23.39
C LYS B 189 -1.88 -35.21 -23.36
N HIS B 190 -2.99 -34.49 -23.24
CA HIS B 190 -4.32 -35.09 -23.16
C HIS B 190 -5.20 -34.53 -24.26
N LYS B 191 -6.39 -35.12 -24.41
CA LYS B 191 -7.33 -34.71 -25.44
C LYS B 191 -8.67 -34.28 -24.84
N VAL B 192 -9.39 -35.19 -24.20
CA VAL B 192 -10.73 -34.92 -23.69
C VAL B 192 -10.62 -34.30 -22.31
N TYR B 193 -11.40 -33.23 -22.07
CA TYR B 193 -11.47 -32.58 -20.77
C TYR B 193 -12.94 -32.50 -20.37
N ALA B 194 -13.34 -33.31 -19.40
CA ALA B 194 -14.73 -33.46 -19.01
C ALA B 194 -14.94 -33.03 -17.57
N CYS B 195 -16.08 -32.39 -17.31
CA CYS B 195 -16.50 -32.01 -15.97
C CYS B 195 -17.77 -32.78 -15.64
N GLU B 196 -17.69 -33.67 -14.65
CA GLU B 196 -18.83 -34.47 -14.22
C GLU B 196 -19.40 -33.89 -12.94
N VAL B 197 -20.70 -33.64 -12.94
CA VAL B 197 -21.39 -32.97 -11.84
C VAL B 197 -22.50 -33.87 -11.32
N THR B 198 -22.50 -34.12 -10.02
CA THR B 198 -23.54 -34.90 -9.35
C THR B 198 -24.22 -34.03 -8.31
N HIS B 199 -25.54 -33.97 -8.37
CA HIS B 199 -26.33 -33.17 -7.44
C HIS B 199 -27.66 -33.87 -7.22
N GLN B 200 -28.21 -33.71 -6.01
CA GLN B 200 -29.46 -34.39 -5.68
C GLN B 200 -30.62 -33.90 -6.54
N GLY B 201 -30.55 -32.65 -7.02
CA GLY B 201 -31.56 -32.15 -7.94
C GLY B 201 -31.49 -32.74 -9.33
N LEU B 202 -30.48 -33.56 -9.62
CA LEU B 202 -30.30 -34.21 -10.90
C LEU B 202 -30.63 -35.69 -10.78
N SER B 203 -31.29 -36.24 -11.79
CA SER B 203 -31.60 -37.66 -11.79
C SER B 203 -30.33 -38.50 -11.98
N SER B 204 -29.33 -37.95 -12.66
CA SER B 204 -28.09 -38.65 -12.93
C SER B 204 -26.99 -37.61 -13.13
N PRO B 205 -25.73 -38.00 -13.00
CA PRO B 205 -24.63 -37.03 -13.20
C PRO B 205 -24.66 -36.44 -14.61
N VAL B 206 -24.38 -35.13 -14.67
CA VAL B 206 -24.31 -34.40 -15.94
C VAL B 206 -22.84 -34.15 -16.25
N THR B 207 -22.49 -34.28 -17.53
CA THR B 207 -21.10 -34.16 -17.98
C THR B 207 -21.00 -33.13 -19.09
N LYS B 208 -20.24 -32.06 -18.84
CA LYS B 208 -19.87 -31.09 -19.86
C LYS B 208 -18.40 -31.28 -20.18
N SER B 209 -18.08 -31.46 -21.47
CA SER B 209 -16.72 -31.81 -21.86
C SER B 209 -16.32 -31.02 -23.09
N PHE B 210 -15.02 -31.04 -23.38
CA PHE B 210 -14.48 -30.44 -24.59
C PHE B 210 -13.13 -31.08 -24.90
N ASN B 211 -12.61 -30.77 -26.08
CA ASN B 211 -11.30 -31.20 -26.54
C ASN B 211 -10.44 -29.98 -26.88
N ARG B 212 -9.13 -30.16 -26.81
CA ARG B 212 -8.21 -29.07 -27.11
C ARG B 212 -8.33 -28.71 -28.59
N GLY B 213 -8.73 -27.48 -28.88
CA GLY B 213 -8.83 -27.07 -30.26
C GLY B 213 -10.09 -27.50 -30.98
N GLU B 214 -11.12 -27.93 -30.25
CA GLU B 214 -12.35 -28.42 -30.86
C GLU B 214 -13.37 -27.31 -31.11
N CYS B 215 -12.93 -26.06 -31.15
CA CYS B 215 -13.82 -24.90 -31.25
C CYS B 215 -14.65 -24.76 -29.97
N GLU D 1 4.79 18.64 22.54
CA GLU D 1 5.56 19.19 21.44
C GLU D 1 4.69 19.37 20.20
N VAL D 2 4.74 20.56 19.61
CA VAL D 2 3.94 20.86 18.43
C VAL D 2 4.44 20.01 17.26
N GLN D 3 3.54 19.23 16.67
CA GLN D 3 3.90 18.37 15.56
C GLN D 3 2.72 18.20 14.62
N LEU D 4 3.02 17.93 13.35
CA LEU D 4 2.03 17.62 12.34
C LEU D 4 2.40 16.30 11.69
N VAL D 5 1.41 15.42 11.52
CA VAL D 5 1.64 14.09 10.98
C VAL D 5 0.74 13.90 9.77
N GLU D 6 1.33 13.84 8.58
CA GLU D 6 0.59 13.57 7.37
C GLU D 6 0.37 12.06 7.20
N SER D 7 -0.68 11.73 6.44
CA SER D 7 -0.98 10.35 6.11
C SER D 7 -1.91 10.33 4.91
N GLY D 8 -2.12 9.14 4.36
CA GLY D 8 -2.98 8.96 3.21
C GLY D 8 -2.26 8.90 1.88
N GLY D 9 -0.95 9.08 1.85
CA GLY D 9 -0.22 9.00 0.60
C GLY D 9 -0.06 7.57 0.12
N GLY D 10 0.40 7.45 -1.11
CA GLY D 10 0.60 6.14 -1.71
C GLY D 10 0.55 6.24 -3.22
N LEU D 11 0.41 5.07 -3.84
CA LEU D 11 0.35 4.96 -5.29
C LEU D 11 -1.09 4.95 -5.76
N VAL D 12 -1.43 5.84 -6.69
CA VAL D 12 -2.79 5.97 -7.19
C VAL D 12 -2.75 6.15 -8.70
N GLN D 13 -3.82 5.70 -9.36
CA GLN D 13 -3.92 5.81 -10.81
C GLN D 13 -4.15 7.25 -11.23
N PRO D 14 -3.65 7.65 -12.40
CA PRO D 14 -3.98 8.98 -12.91
C PRO D 14 -5.47 9.12 -13.13
N GLY D 15 -6.01 10.28 -12.74
CA GLY D 15 -7.44 10.49 -12.74
C GLY D 15 -8.16 9.97 -11.52
N GLY D 16 -7.47 9.27 -10.63
CA GLY D 16 -8.08 8.77 -9.42
C GLY D 16 -8.14 9.83 -8.33
N SER D 17 -8.58 9.39 -7.15
CA SER D 17 -8.76 10.26 -6.01
C SER D 17 -7.90 9.78 -4.84
N LEU D 18 -7.54 10.72 -3.97
CA LEU D 18 -6.75 10.40 -2.79
C LEU D 18 -7.02 11.47 -1.74
N ARG D 19 -7.19 11.03 -0.49
CA ARG D 19 -7.53 11.91 0.62
C ARG D 19 -6.39 11.92 1.62
N LEU D 20 -5.70 13.05 1.71
CA LEU D 20 -4.59 13.21 2.66
C LEU D 20 -5.10 13.79 3.97
N SER D 21 -4.53 13.31 5.08
CA SER D 21 -4.88 13.79 6.40
C SER D 21 -3.67 14.44 7.05
N CYS D 22 -3.93 15.37 7.98
CA CYS D 22 -2.88 16.11 8.69
C CYS D 22 -3.32 16.22 10.15
N ALA D 23 -2.89 15.26 10.97
CA ALA D 23 -3.26 15.24 12.37
C ALA D 23 -2.32 16.13 13.17
N ALA D 24 -2.87 17.09 13.89
CA ALA D 24 -2.09 18.04 14.68
C ALA D 24 -2.16 17.71 16.15
N SER D 25 -1.04 17.88 16.84
CA SER D 25 -0.97 17.68 18.28
C SER D 25 -0.12 18.79 18.89
N GLY D 26 -0.37 19.08 20.17
CA GLY D 26 0.27 20.17 20.84
C GLY D 26 -0.34 21.53 20.58
N PHE D 27 -1.29 21.63 19.66
CA PHE D 27 -1.98 22.88 19.38
C PHE D 27 -3.31 22.53 18.70
N TYR D 28 -4.19 23.52 18.64
CA TYR D 28 -5.49 23.38 17.99
C TYR D 28 -5.48 24.12 16.67
N ILE D 29 -5.90 23.44 15.59
CA ILE D 29 -5.86 24.03 14.26
C ILE D 29 -6.91 25.12 14.10
N SER D 30 -7.89 25.20 14.99
CA SER D 30 -8.95 26.18 14.85
C SER D 30 -8.46 27.62 15.02
N TYR D 31 -7.28 27.81 15.60
CA TYR D 31 -6.73 29.14 15.83
C TYR D 31 -5.61 29.49 14.85
N SER D 32 -5.36 28.64 13.86
CA SER D 32 -4.25 28.84 12.94
C SER D 32 -4.71 28.56 11.51
N SER D 33 -3.98 29.14 10.56
CA SER D 33 -4.13 28.78 9.16
C SER D 33 -3.29 27.54 8.86
N ILE D 34 -3.89 26.60 8.13
CA ILE D 34 -3.24 25.35 7.76
C ILE D 34 -2.99 25.38 6.26
N HIS D 35 -1.76 25.07 5.86
CA HIS D 35 -1.38 25.07 4.45
C HIS D 35 -0.90 23.68 4.04
N TRP D 36 -1.11 23.36 2.78
CA TRP D 36 -0.54 22.17 2.16
C TRP D 36 0.52 22.61 1.15
N VAL D 37 1.73 22.06 1.29
CA VAL D 37 2.84 22.36 0.40
C VAL D 37 3.43 21.04 -0.08
N ARG D 38 3.61 20.90 -1.38
CA ARG D 38 4.13 19.68 -1.96
C ARG D 38 5.52 19.91 -2.54
N GLN D 39 6.24 18.83 -2.78
CA GLN D 39 7.60 18.90 -3.30
C GLN D 39 7.86 17.66 -4.13
N ALA D 40 7.87 17.82 -5.46
CA ALA D 40 8.17 16.72 -6.34
C ALA D 40 9.59 16.20 -6.08
N PRO D 41 9.85 14.91 -6.33
CA PRO D 41 11.17 14.35 -6.03
C PRO D 41 12.32 15.08 -6.72
N GLY D 42 13.15 15.74 -5.93
CA GLY D 42 14.30 16.45 -6.46
C GLY D 42 14.04 17.86 -6.92
N LYS D 43 12.88 18.42 -6.62
CA LYS D 43 12.51 19.77 -7.04
C LYS D 43 12.23 20.64 -5.81
N GLY D 44 11.69 21.83 -6.06
CA GLY D 44 11.46 22.80 -4.99
C GLY D 44 10.06 22.70 -4.40
N LEU D 45 9.84 23.52 -3.38
CA LEU D 45 8.56 23.58 -2.70
C LEU D 45 7.51 24.28 -3.57
N GLU D 46 6.28 23.79 -3.52
CA GLU D 46 5.17 24.39 -4.24
C GLU D 46 3.95 24.47 -3.33
N TRP D 47 3.46 25.69 -3.10
CA TRP D 47 2.24 25.85 -2.32
C TRP D 47 1.05 25.26 -3.06
N VAL D 48 0.16 24.61 -2.32
CA VAL D 48 -0.96 23.89 -2.92
C VAL D 48 -2.29 24.50 -2.48
N ALA D 49 -2.53 24.53 -1.17
CA ALA D 49 -3.81 25.00 -0.67
C ALA D 49 -3.64 25.49 0.76
N SER D 50 -4.62 26.27 1.22
CA SER D 50 -4.62 26.76 2.59
C SER D 50 -6.06 26.96 3.05
N ILE D 51 -6.25 27.01 4.36
CA ILE D 51 -7.56 27.24 4.96
C ILE D 51 -7.40 28.20 6.13
N SER D 52 -8.28 29.19 6.21
CA SER D 52 -8.21 30.22 7.24
C SER D 52 -8.86 29.73 8.53
N PRO D 53 -8.40 30.23 9.69
CA PRO D 53 -8.82 29.64 10.97
C PRO D 53 -10.29 29.84 11.33
N TYR D 54 -10.79 31.08 11.25
CA TYR D 54 -12.11 31.39 11.77
C TYR D 54 -13.19 31.48 10.71
N SER D 55 -12.85 31.85 9.49
CA SER D 55 -13.83 31.96 8.42
C SER D 55 -13.99 30.67 7.62
N GLY D 56 -13.02 29.76 7.70
CA GLY D 56 -13.04 28.59 6.86
C GLY D 56 -12.76 28.85 5.40
N SER D 57 -12.31 30.06 5.05
CA SER D 57 -12.01 30.38 3.67
C SER D 57 -10.85 29.52 3.17
N THR D 58 -10.96 29.08 1.92
CA THR D 58 -9.96 28.22 1.31
C THR D 58 -9.35 28.90 0.10
N TYR D 59 -8.08 28.59 -0.15
CA TYR D 59 -7.36 29.13 -1.28
C TYR D 59 -6.55 28.01 -1.93
N TYR D 60 -6.44 28.08 -3.25
CA TYR D 60 -5.81 27.00 -4.01
C TYR D 60 -4.89 27.58 -5.07
N ALA D 61 -3.84 26.84 -5.38
CA ALA D 61 -3.03 27.14 -6.55
C ALA D 61 -3.84 26.88 -7.82
N ASP D 62 -3.49 27.58 -8.89
CA ASP D 62 -4.25 27.47 -10.13
C ASP D 62 -4.20 26.07 -10.72
N SER D 63 -3.11 25.33 -10.49
CA SER D 63 -2.97 24.00 -11.07
C SER D 63 -3.84 22.96 -10.38
N VAL D 64 -4.40 23.27 -9.22
CA VAL D 64 -5.19 22.30 -8.45
C VAL D 64 -6.60 22.80 -8.15
N LYS D 65 -6.96 24.01 -8.58
CA LYS D 65 -8.28 24.55 -8.28
C LYS D 65 -9.35 23.71 -8.96
N GLY D 66 -10.41 23.41 -8.22
CA GLY D 66 -11.48 22.54 -8.69
C GLY D 66 -11.23 21.07 -8.44
N ARG D 67 -9.98 20.63 -8.60
CA ARG D 67 -9.64 19.24 -8.37
C ARG D 67 -9.38 18.96 -6.90
N PHE D 68 -8.77 19.90 -6.19
CA PHE D 68 -8.40 19.71 -4.79
C PHE D 68 -9.37 20.44 -3.88
N THR D 69 -9.57 19.88 -2.69
CA THR D 69 -10.42 20.49 -1.67
C THR D 69 -9.74 20.34 -0.32
N ILE D 70 -9.43 21.46 0.32
CA ILE D 70 -8.84 21.47 1.65
C ILE D 70 -9.94 21.71 2.66
N SER D 71 -9.85 21.05 3.81
CA SER D 71 -10.84 21.19 4.86
C SER D 71 -10.18 20.89 6.20
N ALA D 72 -10.86 21.28 7.27
CA ALA D 72 -10.37 21.06 8.62
C ALA D 72 -11.51 20.56 9.50
N ASP D 73 -11.21 19.59 10.35
CA ASP D 73 -12.16 19.07 11.34
C ASP D 73 -11.59 19.41 12.71
N THR D 74 -12.10 20.49 13.30
CA THR D 74 -11.58 20.94 14.60
C THR D 74 -11.85 19.93 15.70
N SER D 75 -12.95 19.18 15.59
CA SER D 75 -13.23 18.14 16.59
C SER D 75 -12.20 17.03 16.54
N LYS D 76 -11.60 16.79 15.38
CA LYS D 76 -10.52 15.82 15.23
C LYS D 76 -9.15 16.47 15.21
N ASN D 77 -9.09 17.81 15.26
CA ASN D 77 -7.82 18.54 15.20
C ASN D 77 -6.99 18.10 14.00
N THR D 78 -7.67 17.90 12.86
CA THR D 78 -7.04 17.34 11.68
C THR D 78 -7.51 18.10 10.45
N ALA D 79 -6.56 18.42 9.57
CA ALA D 79 -6.86 19.00 8.28
C ALA D 79 -6.82 17.91 7.21
N TYR D 80 -7.47 18.19 6.08
CA TYR D 80 -7.59 17.22 5.00
C TYR D 80 -7.30 17.89 3.67
N LEU D 81 -6.84 17.10 2.72
CA LEU D 81 -6.64 17.54 1.34
C LEU D 81 -7.22 16.47 0.43
N GLN D 82 -8.46 16.68 -0.03
CA GLN D 82 -9.09 15.79 -0.99
C GLN D 82 -8.54 16.09 -2.38
N MET D 83 -7.88 15.09 -2.97
CA MET D 83 -7.26 15.25 -4.28
C MET D 83 -8.01 14.40 -5.29
N ASN D 84 -8.52 15.04 -6.34
CA ASN D 84 -9.25 14.34 -7.40
C ASN D 84 -8.64 14.71 -8.75
N SER D 85 -8.98 13.92 -9.75
CA SER D 85 -8.48 14.10 -11.12
C SER D 85 -6.95 14.21 -11.12
N LEU D 86 -6.31 13.31 -10.39
CA LEU D 86 -4.86 13.36 -10.19
C LEU D 86 -4.12 13.12 -11.50
N ARG D 87 -3.07 13.91 -11.71
CA ARG D 87 -2.19 13.76 -12.87
C ARG D 87 -0.79 13.42 -12.38
N ALA D 88 0.07 13.04 -13.33
CA ALA D 88 1.47 12.75 -13.00
C ALA D 88 2.17 13.97 -12.42
N GLU D 89 1.73 15.17 -12.78
CA GLU D 89 2.31 16.39 -12.22
C GLU D 89 2.04 16.51 -10.73
N ASP D 90 1.05 15.79 -10.19
CA ASP D 90 0.74 15.83 -8.77
C ASP D 90 1.63 14.92 -7.94
N THR D 91 2.48 14.10 -8.59
CA THR D 91 3.40 13.23 -7.87
C THR D 91 4.40 14.06 -7.08
N ALA D 92 4.31 14.02 -5.76
CA ALA D 92 5.17 14.83 -4.90
C ALA D 92 5.04 14.33 -3.47
N VAL D 93 5.96 14.78 -2.63
CA VAL D 93 5.84 14.64 -1.18
C VAL D 93 5.01 15.80 -0.67
N TYR D 94 3.92 15.50 0.01
CA TYR D 94 2.97 16.52 0.45
C TYR D 94 3.18 16.81 1.93
N TYR D 95 3.52 18.06 2.24
CA TYR D 95 3.62 18.53 3.61
C TYR D 95 2.39 19.36 3.95
N CYS D 96 1.93 19.24 5.20
CA CYS D 96 1.01 20.21 5.77
C CYS D 96 1.77 21.08 6.76
N ALA D 97 1.56 22.38 6.68
CA ALA D 97 2.32 23.34 7.47
C ALA D 97 1.36 24.24 8.24
N ARG D 98 1.71 24.54 9.49
CA ARG D 98 0.97 25.49 10.29
C ARG D 98 1.53 26.88 10.05
N GLN D 99 0.66 27.82 9.66
CA GLN D 99 1.04 29.22 9.64
C GLN D 99 1.09 29.73 11.07
N GLY D 100 2.24 30.27 11.46
CA GLY D 100 2.45 30.69 12.83
C GLY D 100 1.54 31.82 13.28
N TYR D 101 1.63 32.18 14.56
CA TYR D 101 0.85 33.28 15.08
C TYR D 101 1.41 34.60 14.57
N ARG D 102 0.50 35.53 14.27
CA ARG D 102 0.86 36.72 13.50
C ARG D 102 1.88 37.59 14.23
N ARG D 103 1.67 37.87 15.52
CA ARG D 103 2.56 38.79 16.21
C ARG D 103 3.96 38.22 16.41
N ARG D 104 4.09 36.90 16.53
CA ARG D 104 5.38 36.30 16.84
C ARG D 104 6.11 35.71 15.64
N SER D 105 5.40 35.36 14.57
CA SER D 105 6.08 34.81 13.40
C SER D 105 5.44 35.25 12.09
N GLY D 106 4.63 36.31 12.10
CA GLY D 106 4.07 36.83 10.86
C GLY D 106 3.23 35.81 10.14
N ARG D 107 3.57 35.56 8.87
CA ARG D 107 2.90 34.58 8.04
C ARG D 107 3.79 33.41 7.69
N GLY D 108 4.94 33.27 8.35
CA GLY D 108 5.82 32.15 8.07
C GLY D 108 5.25 30.84 8.58
N PHE D 109 5.60 29.75 7.90
CA PHE D 109 5.16 28.41 8.29
C PHE D 109 6.12 27.89 9.34
N ASP D 110 5.73 28.00 10.61
CA ASP D 110 6.65 27.71 11.70
C ASP D 110 6.72 26.22 12.04
N TYR D 111 5.74 25.43 11.61
CA TYR D 111 5.74 23.99 11.91
C TYR D 111 5.32 23.22 10.67
N TRP D 112 6.12 22.23 10.30
CA TRP D 112 5.86 21.37 9.15
C TRP D 112 5.76 19.93 9.60
N GLY D 113 4.99 19.14 8.84
CA GLY D 113 4.94 17.72 9.07
C GLY D 113 6.06 16.98 8.37
N GLN D 114 6.16 15.68 8.65
CA GLN D 114 7.17 14.87 8.01
C GLN D 114 6.91 14.67 6.53
N GLY D 115 5.68 14.92 6.07
CA GLY D 115 5.36 14.76 4.67
C GLY D 115 4.94 13.35 4.33
N THR D 116 4.08 13.24 3.32
CA THR D 116 3.62 11.95 2.82
C THR D 116 3.81 11.91 1.30
N LEU D 117 4.28 10.77 0.81
CA LEU D 117 4.62 10.63 -0.60
C LEU D 117 3.39 10.19 -1.39
N VAL D 118 3.05 10.96 -2.42
CA VAL D 118 1.95 10.64 -3.33
C VAL D 118 2.55 10.41 -4.71
N THR D 119 2.35 9.20 -5.25
CA THR D 119 2.85 8.84 -6.57
C THR D 119 1.65 8.55 -7.47
N VAL D 120 1.54 9.33 -8.53
CA VAL D 120 0.40 9.17 -9.48
C VAL D 120 0.90 8.48 -10.73
N SER D 121 0.59 7.20 -10.88
CA SER D 121 0.97 6.42 -12.08
C SER D 121 0.02 5.23 -12.28
N SER D 122 -0.05 4.72 -13.50
CA SER D 122 -0.87 3.53 -13.79
C SER D 122 0.01 2.29 -13.65
N ALA D 123 1.32 2.49 -13.50
CA ALA D 123 2.28 1.36 -13.36
C ALA D 123 1.91 0.50 -12.17
N SER D 124 2.00 -0.81 -12.34
CA SER D 124 1.73 -1.73 -11.21
C SER D 124 2.95 -1.78 -10.30
N THR D 125 2.73 -2.09 -9.04
CA THR D 125 3.81 -2.25 -8.08
C THR D 125 4.66 -3.45 -8.48
N LYS D 126 5.97 -3.34 -8.26
CA LYS D 126 6.91 -4.37 -8.65
C LYS D 126 8.04 -4.43 -7.65
N GLY D 127 8.29 -5.63 -7.12
CA GLY D 127 9.40 -5.84 -6.21
C GLY D 127 10.72 -5.81 -6.96
N PRO D 128 11.78 -5.39 -6.28
CA PRO D 128 13.07 -5.25 -6.95
C PRO D 128 13.80 -6.57 -7.08
N SER D 129 14.56 -6.67 -8.17
CA SER D 129 15.54 -7.75 -8.32
C SER D 129 16.89 -7.24 -7.83
N VAL D 130 17.52 -8.01 -6.94
CA VAL D 130 18.77 -7.61 -6.31
C VAL D 130 19.89 -8.45 -6.91
N PHE D 131 20.87 -7.78 -7.49
CA PHE D 131 22.03 -8.44 -8.07
C PHE D 131 23.30 -7.97 -7.37
N PRO D 132 24.29 -8.85 -7.19
CA PRO D 132 25.48 -8.46 -6.43
C PRO D 132 26.53 -7.77 -7.29
N LEU D 133 27.13 -6.74 -6.70
CA LEU D 133 28.31 -6.08 -7.27
C LEU D 133 29.52 -6.72 -6.60
N ALA D 134 30.01 -7.80 -7.21
CA ALA D 134 31.04 -8.61 -6.58
C ALA D 134 32.35 -7.85 -6.46
N PRO D 135 33.04 -7.97 -5.33
CA PRO D 135 34.35 -7.32 -5.20
C PRO D 135 35.37 -7.96 -6.13
N SER D 136 36.26 -7.13 -6.67
CA SER D 136 37.25 -7.60 -7.62
C SER D 136 38.35 -8.37 -6.90
N SER D 137 38.74 -9.51 -7.47
CA SER D 137 39.74 -10.37 -6.85
C SER D 137 41.12 -9.75 -6.86
N LYS D 138 41.34 -8.71 -7.67
CA LYS D 138 42.63 -8.05 -7.79
C LYS D 138 42.61 -6.67 -7.12
N SER D 139 41.89 -6.56 -6.01
CA SER D 139 41.84 -5.32 -5.27
C SER D 139 43.23 -4.99 -4.71
N THR D 140 43.39 -3.73 -4.30
CA THR D 140 44.67 -3.26 -3.80
C THR D 140 45.13 -4.12 -2.63
N SER D 141 46.29 -4.76 -2.79
CA SER D 141 46.85 -5.58 -1.73
C SER D 141 47.09 -4.74 -0.48
N GLY D 142 46.42 -5.09 0.61
CA GLY D 142 46.50 -4.29 1.82
C GLY D 142 45.64 -3.04 1.80
N GLY D 143 44.88 -2.81 0.72
CA GLY D 143 44.04 -1.64 0.58
C GLY D 143 42.58 -1.92 0.84
N THR D 144 41.73 -1.08 0.27
CA THR D 144 40.28 -1.16 0.47
C THR D 144 39.60 -1.68 -0.79
N ALA D 145 38.74 -2.69 -0.61
CA ALA D 145 37.94 -3.27 -1.68
C ALA D 145 36.53 -2.68 -1.66
N ALA D 146 35.85 -2.77 -2.80
CA ALA D 146 34.50 -2.23 -2.93
C ALA D 146 33.56 -3.30 -3.47
N LEU D 147 32.42 -3.46 -2.78
CA LEU D 147 31.37 -4.37 -3.19
C LEU D 147 30.03 -3.68 -2.99
N GLY D 148 28.97 -4.25 -3.57
CA GLY D 148 27.68 -3.64 -3.44
C GLY D 148 26.57 -4.51 -3.98
N CYS D 149 25.38 -3.91 -4.05
CA CYS D 149 24.19 -4.56 -4.58
C CYS D 149 23.52 -3.67 -5.61
N LEU D 150 22.99 -4.29 -6.66
CA LEU D 150 22.25 -3.58 -7.71
C LEU D 150 20.77 -3.85 -7.50
N VAL D 151 20.05 -2.82 -7.05
CA VAL D 151 18.61 -2.91 -6.82
C VAL D 151 17.92 -2.43 -8.10
N LYS D 152 17.39 -3.37 -8.88
CA LYS D 152 16.96 -3.10 -10.24
C LYS D 152 15.49 -3.46 -10.42
N ASP D 153 14.79 -2.63 -11.21
CA ASP D 153 13.44 -2.92 -11.71
C ASP D 153 12.43 -3.06 -10.56
N TYR D 154 12.13 -1.92 -9.96
CA TYR D 154 11.09 -1.85 -8.95
C TYR D 154 10.26 -0.58 -9.17
N PHE D 155 9.04 -0.60 -8.63
CA PHE D 155 8.14 0.54 -8.69
C PHE D 155 7.10 0.38 -7.60
N PRO D 156 6.73 1.44 -6.88
CA PRO D 156 7.28 2.79 -6.96
C PRO D 156 8.37 3.05 -5.92
N GLU D 157 8.83 4.29 -5.83
CA GLU D 157 9.69 4.70 -4.72
C GLU D 157 8.90 4.64 -3.41
N PRO D 158 9.59 4.49 -2.28
CA PRO D 158 11.04 4.35 -2.10
C PRO D 158 11.47 2.92 -1.82
N VAL D 159 12.78 2.66 -1.86
CA VAL D 159 13.35 1.41 -1.40
C VAL D 159 14.47 1.72 -0.42
N THR D 160 14.65 0.84 0.56
CA THR D 160 15.66 0.99 1.60
C THR D 160 16.66 -0.15 1.51
N VAL D 161 17.95 0.18 1.65
CA VAL D 161 19.02 -0.81 1.59
C VAL D 161 19.89 -0.65 2.83
N SER D 162 20.05 -1.72 3.59
CA SER D 162 20.98 -1.78 4.71
C SER D 162 21.94 -2.94 4.49
N TRP D 163 23.05 -2.90 5.21
CA TRP D 163 24.11 -3.91 5.09
C TRP D 163 24.30 -4.64 6.41
N ASN D 164 24.29 -5.97 6.35
CA ASN D 164 24.46 -6.82 7.54
C ASN D 164 23.45 -6.48 8.61
N SER D 165 22.20 -6.25 8.19
CA SER D 165 21.09 -5.89 9.09
C SER D 165 21.45 -4.66 9.92
N GLY D 166 21.85 -3.59 9.23
CA GLY D 166 22.18 -2.33 9.87
C GLY D 166 23.45 -2.30 10.67
N ALA D 167 24.14 -3.44 10.85
CA ALA D 167 25.36 -3.44 11.63
C ALA D 167 26.50 -2.74 10.89
N LEU D 168 26.47 -2.75 9.56
CA LEU D 168 27.51 -2.13 8.75
C LEU D 168 26.98 -0.82 8.19
N THR D 169 27.47 0.30 8.72
CA THR D 169 27.04 1.63 8.29
C THR D 169 28.17 2.53 7.84
N SER D 170 29.41 2.22 8.17
CA SER D 170 30.55 3.05 7.77
C SER D 170 31.00 2.68 6.38
N GLY D 171 31.16 3.69 5.52
CA GLY D 171 31.59 3.46 4.15
C GLY D 171 30.49 3.03 3.22
N VAL D 172 29.24 3.04 3.65
CA VAL D 172 28.11 2.63 2.83
C VAL D 172 27.62 3.83 2.03
N HIS D 173 27.38 3.63 0.73
CA HIS D 173 26.83 4.66 -0.14
C HIS D 173 25.68 4.06 -0.93
N THR D 174 24.46 4.52 -0.63
CA THR D 174 23.26 4.10 -1.35
C THR D 174 22.86 5.23 -2.28
N PHE D 175 23.01 5.00 -3.58
CA PHE D 175 22.79 6.05 -4.56
C PHE D 175 21.30 6.32 -4.76
N PRO D 176 20.94 7.54 -5.12
CA PRO D 176 19.52 7.84 -5.41
C PRO D 176 19.01 7.03 -6.58
N ALA D 177 17.72 6.70 -6.52
CA ALA D 177 17.09 5.93 -7.58
C ALA D 177 17.06 6.72 -8.88
N VAL D 178 17.30 6.04 -9.99
CA VAL D 178 17.23 6.61 -11.32
C VAL D 178 16.11 5.92 -12.09
N LEU D 179 15.30 6.72 -12.79
CA LEU D 179 14.20 6.17 -13.56
C LEU D 179 14.72 5.67 -14.90
N GLN D 180 14.62 4.37 -15.12
CA GLN D 180 15.09 3.77 -16.37
C GLN D 180 14.09 4.02 -17.50
N SER D 181 14.50 3.67 -18.72
CA SER D 181 13.63 3.82 -19.88
C SER D 181 12.40 2.94 -19.81
N SER D 182 12.46 1.83 -19.07
CA SER D 182 11.31 0.95 -18.92
C SER D 182 10.27 1.49 -17.96
N GLY D 183 10.54 2.61 -17.28
CA GLY D 183 9.64 3.16 -16.30
C GLY D 183 9.82 2.65 -14.90
N LEU D 184 10.77 1.74 -14.67
CA LEU D 184 11.06 1.19 -13.37
C LEU D 184 12.29 1.86 -12.77
N TYR D 185 12.32 1.93 -11.44
CA TYR D 185 13.43 2.57 -10.75
C TYR D 185 14.59 1.59 -10.56
N SER D 186 15.77 2.14 -10.34
CA SER D 186 16.97 1.34 -10.13
C SER D 186 17.98 2.16 -9.35
N LEU D 187 18.72 1.49 -8.45
CA LEU D 187 19.79 2.14 -7.72
C LEU D 187 20.79 1.09 -7.29
N SER D 188 21.99 1.55 -6.94
CA SER D 188 23.04 0.71 -6.40
C SER D 188 23.39 1.17 -5.00
N SER D 189 23.75 0.21 -4.15
CA SER D 189 24.24 0.48 -2.80
C SER D 189 25.59 -0.19 -2.66
N VAL D 190 26.63 0.61 -2.44
CA VAL D 190 28.00 0.11 -2.40
C VAL D 190 28.57 0.35 -1.01
N VAL D 191 29.66 -0.36 -0.71
CA VAL D 191 30.36 -0.22 0.56
C VAL D 191 31.82 -0.61 0.33
N THR D 192 32.71 0.12 1.00
CA THR D 192 34.14 -0.16 0.95
C THR D 192 34.55 -0.92 2.21
N VAL D 193 35.19 -2.06 2.03
CA VAL D 193 35.58 -2.92 3.15
C VAL D 193 37.04 -3.32 2.96
N PRO D 194 37.70 -3.72 4.06
CA PRO D 194 39.09 -4.20 3.92
C PRO D 194 39.15 -5.43 3.02
N SER D 195 40.18 -5.46 2.16
CA SER D 195 40.36 -6.59 1.27
C SER D 195 40.64 -7.87 2.04
N SER D 196 41.24 -7.76 3.23
CA SER D 196 41.45 -8.95 4.06
C SER D 196 40.16 -9.47 4.66
N SER D 197 39.11 -8.64 4.71
CA SER D 197 37.83 -9.06 5.25
C SER D 197 36.98 -9.85 4.25
N LEU D 198 37.35 -9.85 2.97
CA LEU D 198 36.59 -10.58 1.96
C LEU D 198 36.72 -12.08 2.22
N GLY D 199 35.59 -12.74 2.44
CA GLY D 199 35.61 -14.16 2.75
C GLY D 199 35.45 -14.44 4.23
N THR D 200 36.27 -13.77 5.05
CA THR D 200 36.14 -13.90 6.50
C THR D 200 34.92 -13.17 7.02
N GLN D 201 34.48 -12.14 6.31
CA GLN D 201 33.29 -11.38 6.65
C GLN D 201 32.23 -11.59 5.58
N THR D 202 31.00 -11.86 6.01
CA THR D 202 29.89 -11.95 5.08
C THR D 202 29.22 -10.59 4.98
N TYR D 203 28.81 -10.24 3.77
CA TYR D 203 28.21 -8.94 3.48
C TYR D 203 26.87 -9.19 2.83
N ILE D 204 25.80 -8.92 3.59
CA ILE D 204 24.43 -9.12 3.12
C ILE D 204 23.79 -7.76 2.98
N CYS D 205 23.31 -7.45 1.79
CA CYS D 205 22.55 -6.23 1.58
C CYS D 205 21.07 -6.55 1.79
N ASN D 206 20.42 -5.76 2.63
CA ASN D 206 19.03 -5.99 3.01
C ASN D 206 18.18 -4.95 2.31
N VAL D 207 17.41 -5.39 1.32
CA VAL D 207 16.57 -4.52 0.51
C VAL D 207 15.13 -4.69 0.96
N ASN D 208 14.49 -3.57 1.31
CA ASN D 208 13.10 -3.57 1.76
C ASN D 208 12.31 -2.60 0.88
N HIS D 209 11.38 -3.15 0.10
CA HIS D 209 10.50 -2.36 -0.76
C HIS D 209 9.08 -2.48 -0.22
N LYS D 210 8.72 -1.56 0.68
CA LYS D 210 7.43 -1.62 1.34
C LYS D 210 6.24 -1.55 0.39
N PRO D 211 6.20 -0.70 -0.65
CA PRO D 211 5.01 -0.66 -1.51
C PRO D 211 4.62 -2.01 -2.09
N SER D 212 5.58 -2.85 -2.46
CA SER D 212 5.29 -4.18 -2.95
C SER D 212 5.44 -5.25 -1.88
N ASN D 213 5.78 -4.87 -0.65
CA ASN D 213 5.98 -5.81 0.45
C ASN D 213 7.04 -6.85 0.10
N THR D 214 8.16 -6.37 -0.45
CA THR D 214 9.26 -7.23 -0.87
C THR D 214 10.47 -6.94 0.01
N LYS D 215 10.99 -7.98 0.66
CA LYS D 215 12.26 -7.92 1.37
C LYS D 215 13.17 -9.00 0.82
N VAL D 216 14.35 -8.61 0.36
CA VAL D 216 15.30 -9.51 -0.28
C VAL D 216 16.67 -9.31 0.36
N ASP D 217 17.29 -10.41 0.76
CA ASP D 217 18.64 -10.40 1.30
C ASP D 217 19.56 -11.13 0.34
N LYS D 218 20.51 -10.42 -0.24
CA LYS D 218 21.44 -10.96 -1.23
C LYS D 218 22.84 -11.03 -0.63
N LYS D 219 23.48 -12.18 -0.79
CA LYS D 219 24.85 -12.39 -0.30
C LYS D 219 25.83 -11.92 -1.38
N VAL D 220 26.63 -10.92 -1.05
CA VAL D 220 27.65 -10.40 -1.96
C VAL D 220 28.99 -11.01 -1.55
N GLU D 221 29.50 -11.92 -2.37
CA GLU D 221 30.75 -12.59 -2.13
C GLU D 221 31.61 -12.55 -3.38
N PRO D 222 32.93 -12.64 -3.25
CA PRO D 222 33.78 -12.70 -4.44
C PRO D 222 33.47 -13.95 -5.27
N LYS D 223 33.31 -13.74 -6.58
CA LYS D 223 33.01 -14.85 -7.47
C LYS D 223 34.19 -15.82 -7.52
N SER D 224 33.88 -17.10 -7.65
CA SER D 224 34.92 -18.12 -7.63
C SER D 224 35.59 -18.21 -8.99
N CYS D 225 36.14 -19.37 -9.32
CA CYS D 225 36.81 -19.59 -10.59
C CYS D 225 36.56 -20.99 -11.12
N SER E 1 -2.50 37.56 -12.78
CA SER E 1 -1.05 37.35 -12.76
C SER E 1 -0.54 37.27 -11.32
N ASP E 2 -0.15 36.06 -10.90
CA ASP E 2 0.34 35.87 -9.55
C ASP E 2 1.80 36.29 -9.44
N ILE E 3 2.29 36.33 -8.21
CA ILE E 3 3.62 36.86 -7.91
C ILE E 3 4.66 35.76 -8.13
N GLN E 4 5.81 36.15 -8.67
CA GLN E 4 6.94 35.24 -8.84
C GLN E 4 8.06 35.61 -7.88
N MET E 5 8.81 34.60 -7.45
CA MET E 5 9.97 34.77 -6.58
C MET E 5 11.18 34.16 -7.27
N THR E 6 12.05 35.01 -7.81
CA THR E 6 13.24 34.57 -8.51
C THR E 6 14.40 34.48 -7.52
N GLN E 7 14.81 33.26 -7.19
CA GLN E 7 15.88 33.02 -6.23
C GLN E 7 17.20 32.80 -6.96
N SER E 8 18.25 33.44 -6.44
CA SER E 8 19.58 33.35 -7.03
C SER E 8 20.62 33.37 -5.92
N PRO E 9 21.68 32.57 -6.02
CA PRO E 9 21.97 31.60 -7.09
C PRO E 9 21.23 30.28 -6.87
N SER E 10 21.22 29.39 -7.86
CA SER E 10 20.60 28.09 -7.66
C SER E 10 21.42 27.20 -6.74
N SER E 11 22.74 27.42 -6.69
CA SER E 11 23.62 26.66 -5.82
C SER E 11 24.92 27.42 -5.64
N LEU E 12 25.62 27.10 -4.57
CA LEU E 12 26.94 27.69 -4.31
C LEU E 12 27.71 26.78 -3.38
N SER E 13 29.03 26.75 -3.59
CA SER E 13 29.94 25.98 -2.74
C SER E 13 30.71 26.96 -1.87
N ALA E 14 30.62 26.78 -0.56
CA ALA E 14 31.24 27.69 0.40
C ALA E 14 31.90 26.88 1.51
N SER E 15 32.88 27.51 2.16
CA SER E 15 33.62 26.89 3.25
C SER E 15 32.99 27.26 4.59
N VAL E 16 33.39 26.53 5.64
CA VAL E 16 32.93 26.84 6.99
C VAL E 16 33.44 28.22 7.38
N GLY E 17 32.55 29.05 7.93
CA GLY E 17 32.89 30.40 8.30
C GLY E 17 32.66 31.44 7.23
N ASP E 18 32.32 31.03 6.01
CA ASP E 18 32.09 31.98 4.94
C ASP E 18 30.83 32.80 5.20
N ARG E 19 30.77 33.97 4.56
CA ARG E 19 29.58 34.82 4.57
C ARG E 19 28.86 34.62 3.24
N VAL E 20 27.71 33.97 3.29
CA VAL E 20 26.92 33.70 2.10
C VAL E 20 25.66 34.55 2.11
N THR E 21 25.22 34.96 0.92
CA THR E 21 24.05 35.81 0.76
C THR E 21 23.18 35.22 -0.35
N ILE E 22 21.93 34.93 -0.02
CA ILE E 22 20.95 34.40 -0.97
C ILE E 22 19.92 35.50 -1.22
N THR E 23 19.63 35.75 -2.49
CA THR E 23 18.74 36.84 -2.87
C THR E 23 17.49 36.29 -3.54
N CYS E 24 16.37 37.00 -3.32
CA CYS E 24 15.10 36.68 -3.95
C CYS E 24 14.46 37.96 -4.45
N ARG E 25 14.07 37.97 -5.72
CA ARG E 25 13.42 39.12 -6.33
C ARG E 25 11.95 38.79 -6.59
N ALA E 26 11.06 39.57 -5.98
CA ALA E 26 9.64 39.41 -6.22
C ALA E 26 9.25 40.13 -7.51
N SER E 27 8.43 39.46 -8.33
CA SER E 27 8.01 40.03 -9.60
C SER E 27 7.17 41.29 -9.44
N GLN E 28 6.59 41.49 -8.26
CA GLN E 28 5.84 42.71 -7.96
C GLN E 28 5.88 42.94 -6.45
N SER E 29 5.17 43.96 -6.01
CA SER E 29 5.22 44.35 -4.60
C SER E 29 4.62 43.27 -3.72
N VAL E 30 5.40 42.81 -2.74
CA VAL E 30 4.95 41.88 -1.71
C VAL E 30 5.10 42.46 -0.31
N SER E 31 5.35 43.77 -0.21
CA SER E 31 5.64 44.44 1.08
C SER E 31 6.81 43.70 1.71
N SER E 32 6.73 43.32 2.99
CA SER E 32 7.76 42.54 3.64
C SER E 32 7.28 41.14 4.03
N ALA E 33 6.20 40.66 3.40
CA ALA E 33 5.63 39.36 3.72
C ALA E 33 6.40 38.24 3.02
N VAL E 34 7.69 38.16 3.36
CA VAL E 34 8.60 37.17 2.79
C VAL E 34 9.19 36.34 3.93
N ALA E 35 9.20 35.02 3.75
CA ALA E 35 9.76 34.10 4.72
C ALA E 35 10.88 33.29 4.09
N TRP E 36 11.83 32.86 4.92
CA TRP E 36 12.95 32.04 4.48
C TRP E 36 12.95 30.72 5.23
N TYR E 37 13.22 29.63 4.51
CA TYR E 37 13.19 28.30 5.09
C TYR E 37 14.48 27.56 4.79
N GLN E 38 14.81 26.61 5.65
CA GLN E 38 15.95 25.73 5.48
C GLN E 38 15.45 24.29 5.42
N GLN E 39 15.87 23.55 4.40
CA GLN E 39 15.45 22.16 4.24
C GLN E 39 16.67 21.30 3.98
N LYS E 40 16.94 20.39 4.86
CA LYS E 40 17.95 19.36 4.67
C LYS E 40 17.35 18.18 3.91
N PRO E 41 18.16 17.46 3.14
CA PRO E 41 17.62 16.35 2.32
C PRO E 41 16.91 15.31 3.17
N GLY E 42 15.70 14.94 2.76
CA GLY E 42 14.89 13.98 3.46
C GLY E 42 14.10 14.50 4.63
N LYS E 43 14.28 15.77 4.99
CA LYS E 43 13.60 16.35 6.14
C LYS E 43 12.67 17.47 5.69
N ALA E 44 11.82 17.91 6.62
CA ALA E 44 10.89 18.99 6.37
C ALA E 44 11.58 20.35 6.50
N PRO E 45 11.11 21.36 5.78
CA PRO E 45 11.68 22.69 5.92
C PRO E 45 11.42 23.27 7.30
N LYS E 46 12.33 24.16 7.72
CA LYS E 46 12.22 24.84 9.01
C LYS E 46 12.25 26.35 8.79
N LEU E 47 11.39 27.05 9.53
CA LEU E 47 11.32 28.50 9.41
C LEU E 47 12.54 29.16 10.03
N LEU E 48 13.17 30.06 9.28
CA LEU E 48 14.32 30.83 9.75
C LEU E 48 13.97 32.29 9.98
N ILE E 49 13.51 32.97 8.93
CA ILE E 49 13.17 34.39 8.98
C ILE E 49 11.74 34.57 8.51
N TYR E 50 10.98 35.38 9.24
CA TYR E 50 9.64 35.79 8.83
C TYR E 50 9.62 37.31 8.68
N SER E 51 8.61 37.80 7.98
CA SER E 51 8.43 39.23 7.73
C SER E 51 9.70 39.85 7.17
N ALA E 52 10.30 39.16 6.20
CA ALA E 52 11.47 39.62 5.44
C ALA E 52 12.73 39.72 6.29
N SER E 53 12.64 40.33 7.48
CA SER E 53 13.83 40.63 8.26
C SER E 53 13.77 40.14 9.71
N SER E 54 12.65 39.61 10.18
CA SER E 54 12.52 39.20 11.58
C SER E 54 12.96 37.76 11.75
N LEU E 55 13.75 37.53 12.81
CA LEU E 55 14.27 36.20 13.10
C LEU E 55 13.26 35.38 13.87
N TYR E 56 12.95 34.19 13.36
CA TYR E 56 12.05 33.28 14.07
C TYR E 56 12.69 32.81 15.37
N SER E 57 11.86 32.56 16.36
CA SER E 57 12.35 32.18 17.68
C SER E 57 13.17 30.90 17.61
N GLY E 58 14.33 30.92 18.27
CA GLY E 58 15.22 29.77 18.30
C GLY E 58 16.26 29.74 17.22
N VAL E 59 16.11 30.52 16.16
CA VAL E 59 17.08 30.53 15.07
C VAL E 59 18.33 31.29 15.50
N PRO E 60 19.52 30.76 15.30
CA PRO E 60 20.74 31.46 15.73
C PRO E 60 20.91 32.79 15.01
N SER E 61 21.62 33.70 15.67
CA SER E 61 21.75 35.08 15.19
C SER E 61 22.63 35.22 13.95
N ARG E 62 23.31 34.16 13.52
CA ARG E 62 24.10 34.26 12.30
C ARG E 62 23.22 34.35 11.05
N PHE E 63 21.95 33.95 11.15
CA PHE E 63 20.99 34.12 10.06
C PHE E 63 20.36 35.50 10.15
N SER E 64 20.19 36.14 8.99
CA SER E 64 19.60 37.47 8.94
C SER E 64 18.95 37.68 7.59
N GLY E 65 17.82 38.40 7.60
CA GLY E 65 17.12 38.76 6.39
C GLY E 65 16.99 40.27 6.27
N SER E 66 16.88 40.74 5.03
CA SER E 66 16.76 42.17 4.78
C SER E 66 15.91 42.38 3.53
N ARG E 67 15.23 43.52 3.49
CA ARG E 67 14.39 43.91 2.36
C ARG E 67 14.95 45.16 1.70
N SER E 68 14.93 45.18 0.37
CA SER E 68 15.31 46.37 -0.41
C SER E 68 14.28 46.50 -1.54
N GLY E 69 13.17 47.16 -1.24
CA GLY E 69 12.07 47.26 -2.18
C GLY E 69 11.42 45.92 -2.43
N THR E 70 11.66 45.34 -3.61
CA THR E 70 11.20 43.99 -3.93
C THR E 70 12.34 42.98 -3.90
N ASP E 71 13.52 43.38 -3.47
CA ASP E 71 14.68 42.50 -3.35
C ASP E 71 14.83 42.06 -1.90
N PHE E 72 14.93 40.75 -1.68
CA PHE E 72 15.03 40.18 -0.34
C PHE E 72 16.28 39.30 -0.29
N THR E 73 17.06 39.45 0.78
CA THR E 73 18.33 38.76 0.93
C THR E 73 18.35 37.98 2.22
N LEU E 74 18.85 36.74 2.14
CA LEU E 74 19.12 35.91 3.31
C LEU E 74 20.63 35.82 3.47
N THR E 75 21.13 36.18 4.65
CA THR E 75 22.56 36.25 4.90
C THR E 75 22.92 35.39 6.10
N ILE E 76 23.91 34.52 5.93
CA ILE E 76 24.53 33.78 7.00
C ILE E 76 25.89 34.39 7.24
N SER E 77 26.07 35.01 8.42
CA SER E 77 27.29 35.77 8.68
C SER E 77 28.52 34.88 8.63
N SER E 78 28.53 33.81 9.42
CA SER E 78 29.62 32.84 9.44
C SER E 78 29.04 31.46 9.24
N LEU E 79 29.35 30.83 8.11
CA LEU E 79 28.75 29.56 7.76
C LEU E 79 29.26 28.46 8.68
N GLN E 80 28.34 27.70 9.25
CA GLN E 80 28.63 26.60 10.15
C GLN E 80 28.36 25.26 9.48
N PRO E 81 28.99 24.18 9.95
CA PRO E 81 28.80 22.88 9.29
C PRO E 81 27.37 22.37 9.31
N GLU E 82 26.51 22.91 10.16
CA GLU E 82 25.10 22.52 10.20
C GLU E 82 24.21 23.44 9.38
N ASP E 83 24.78 24.45 8.74
CA ASP E 83 24.01 25.37 7.91
C ASP E 83 23.98 24.97 6.44
N PHE E 84 24.57 23.83 6.08
CA PHE E 84 24.64 23.41 4.69
C PHE E 84 23.39 22.61 4.34
N ALA E 85 22.54 23.22 3.52
CA ALA E 85 21.27 22.62 3.09
C ALA E 85 20.69 23.43 1.93
N THR E 86 19.42 23.23 1.62
CA THR E 86 18.74 24.03 0.60
C THR E 86 17.88 25.08 1.28
N TYR E 87 17.97 26.31 0.80
CA TYR E 87 17.25 27.43 1.38
C TYR E 87 16.20 27.93 0.40
N TYR E 88 15.00 28.20 0.91
CA TYR E 88 13.87 28.64 0.10
C TYR E 88 13.32 29.94 0.65
N CYS E 89 12.97 30.86 -0.25
CA CYS E 89 12.23 32.05 0.11
C CYS E 89 10.78 31.89 -0.33
N GLN E 90 9.87 32.53 0.41
CA GLN E 90 8.45 32.42 0.15
C GLN E 90 7.77 33.75 0.42
N GLN E 91 6.91 34.18 -0.48
CA GLN E 91 6.07 35.34 -0.27
C GLN E 91 4.68 34.90 0.18
N SER E 92 4.14 35.61 1.17
CA SER E 92 2.77 35.38 1.64
C SER E 92 1.97 36.67 1.65
N TYR E 93 2.26 37.57 0.72
CA TYR E 93 1.54 38.83 0.66
C TYR E 93 0.13 38.64 0.11
N SER E 94 -0.03 37.76 -0.88
CA SER E 94 -1.32 37.48 -1.46
C SER E 94 -1.36 36.03 -1.94
N PHE E 95 -2.57 35.51 -2.08
CA PHE E 95 -2.69 34.15 -2.60
C PHE E 95 -2.73 34.17 -4.12
N PRO E 96 -2.12 33.17 -4.78
CA PRO E 96 -1.43 32.01 -4.21
C PRO E 96 -0.02 32.35 -3.74
N SER E 97 0.41 31.80 -2.60
CA SER E 97 1.79 31.97 -2.17
C SER E 97 2.73 31.22 -3.11
N THR E 98 3.93 31.76 -3.27
CA THR E 98 4.92 31.18 -4.17
C THR E 98 6.27 31.11 -3.48
N PHE E 99 7.00 30.03 -3.76
CA PHE E 99 8.34 29.82 -3.24
C PHE E 99 9.38 30.09 -4.31
N GLY E 100 10.57 30.50 -3.87
CA GLY E 100 11.70 30.53 -4.76
C GLY E 100 12.13 29.13 -5.17
N GLN E 101 12.91 29.05 -6.23
CA GLN E 101 13.34 27.76 -6.73
C GLN E 101 14.35 27.07 -5.81
N GLY E 102 14.91 27.79 -4.85
CA GLY E 102 15.80 27.19 -3.88
C GLY E 102 17.27 27.44 -4.19
N THR E 103 18.10 27.32 -3.15
CA THR E 103 19.54 27.50 -3.27
C THR E 103 20.22 26.44 -2.42
N LYS E 104 20.96 25.54 -3.07
CA LYS E 104 21.68 24.48 -2.38
C LYS E 104 23.06 24.98 -1.98
N VAL E 105 23.35 24.95 -0.68
CA VAL E 105 24.63 25.41 -0.13
C VAL E 105 25.39 24.18 0.33
N GLU E 106 26.51 23.89 -0.33
CA GLU E 106 27.33 22.72 0.00
C GLU E 106 28.70 23.17 0.50
N ILE E 107 29.31 22.31 1.32
CA ILE E 107 30.57 22.65 1.99
C ILE E 107 31.74 22.38 1.06
N LYS E 108 32.64 23.36 0.95
CA LYS E 108 33.86 23.24 0.17
C LYS E 108 34.98 22.66 1.05
N ARG E 109 35.62 21.61 0.56
CA ARG E 109 36.71 20.95 1.27
C ARG E 109 37.91 20.81 0.33
N THR E 110 38.96 20.17 0.83
CA THR E 110 40.13 19.92 0.01
C THR E 110 39.83 18.90 -1.07
N VAL E 111 40.63 18.94 -2.14
CA VAL E 111 40.42 18.06 -3.28
C VAL E 111 40.75 16.63 -2.87
N ALA E 112 39.83 15.70 -3.19
CA ALA E 112 40.01 14.28 -2.89
C ALA E 112 39.83 13.49 -4.18
N ALA E 113 40.75 12.56 -4.43
CA ALA E 113 40.68 11.76 -5.65
C ALA E 113 39.70 10.60 -5.47
N PRO E 114 38.96 10.24 -6.53
CA PRO E 114 38.01 9.14 -6.41
C PRO E 114 38.69 7.79 -6.53
N SER E 115 38.27 6.86 -5.67
CA SER E 115 38.63 5.46 -5.83
C SER E 115 37.67 4.83 -6.82
N VAL E 116 38.21 4.35 -7.94
CA VAL E 116 37.39 3.90 -9.06
C VAL E 116 37.30 2.39 -9.03
N PHE E 117 36.08 1.87 -9.22
CA PHE E 117 35.83 0.44 -9.26
C PHE E 117 34.87 0.15 -10.40
N ILE E 118 35.08 -0.99 -11.07
CA ILE E 118 34.20 -1.44 -12.14
C ILE E 118 33.64 -2.80 -11.75
N PHE E 119 32.36 -3.03 -12.05
CA PHE E 119 31.68 -4.25 -11.67
C PHE E 119 31.08 -4.89 -12.91
N PRO E 120 31.46 -6.13 -13.26
CA PRO E 120 30.79 -6.80 -14.36
C PRO E 120 29.40 -7.21 -13.95
N PRO E 121 28.48 -7.39 -14.90
CA PRO E 121 27.13 -7.85 -14.55
C PRO E 121 27.17 -9.27 -14.05
N SER E 122 26.39 -9.54 -13.01
CA SER E 122 26.36 -10.86 -12.41
C SER E 122 25.75 -11.88 -13.37
N ASP E 123 26.07 -13.15 -13.14
CA ASP E 123 25.52 -14.22 -13.96
C ASP E 123 24.00 -14.31 -13.80
N GLU E 124 23.47 -13.86 -12.66
CA GLU E 124 22.03 -13.92 -12.44
C GLU E 124 21.29 -12.93 -13.33
N GLN E 125 21.91 -11.79 -13.64
CA GLN E 125 21.24 -10.75 -14.41
C GLN E 125 21.21 -11.09 -15.90
N LEU E 126 22.27 -11.70 -16.41
CA LEU E 126 22.31 -12.08 -17.82
C LEU E 126 21.23 -13.11 -18.16
N LYS E 127 20.79 -13.89 -17.17
CA LYS E 127 19.70 -14.83 -17.40
C LYS E 127 18.40 -14.11 -17.74
N SER E 128 18.24 -12.87 -17.27
CA SER E 128 17.07 -12.07 -17.58
C SER E 128 17.17 -11.35 -18.92
N GLY E 129 18.32 -11.42 -19.58
CA GLY E 129 18.48 -10.80 -20.89
C GLY E 129 19.05 -9.41 -20.88
N THR E 130 19.44 -8.88 -19.72
CA THR E 130 19.98 -7.54 -19.61
C THR E 130 21.28 -7.59 -18.81
N ALA E 131 22.26 -6.79 -19.23
CA ALA E 131 23.55 -6.69 -18.56
C ALA E 131 23.76 -5.26 -18.10
N SER E 132 24.07 -5.09 -16.82
CA SER E 132 24.34 -3.78 -16.24
C SER E 132 25.76 -3.76 -15.72
N VAL E 133 26.60 -2.92 -16.33
CA VAL E 133 27.98 -2.73 -15.88
C VAL E 133 28.03 -1.45 -15.07
N VAL E 134 28.52 -1.54 -13.84
CA VAL E 134 28.50 -0.43 -12.89
C VAL E 134 29.93 0.05 -12.67
N CYS E 135 30.13 1.36 -12.72
CA CYS E 135 31.40 1.99 -12.42
C CYS E 135 31.21 2.89 -11.20
N LEU E 136 32.03 2.70 -10.18
CA LEU E 136 31.89 3.40 -8.91
C LEU E 136 33.03 4.38 -8.73
N LEU E 137 32.67 5.63 -8.43
CA LEU E 137 33.61 6.66 -8.01
C LEU E 137 33.32 6.95 -6.54
N ASN E 138 34.26 6.62 -5.67
CA ASN E 138 34.03 6.62 -4.23
C ASN E 138 34.83 7.74 -3.56
N ASN E 139 34.12 8.59 -2.81
CA ASN E 139 34.71 9.59 -1.94
C ASN E 139 35.66 10.52 -2.68
N PHE E 140 35.11 11.47 -3.43
CA PHE E 140 35.91 12.45 -4.15
C PHE E 140 35.32 13.84 -3.96
N TYR E 141 36.15 14.85 -4.27
CA TYR E 141 35.74 16.24 -4.25
C TYR E 141 36.64 17.01 -5.19
N PRO E 142 36.10 17.94 -6.00
CA PRO E 142 34.69 18.37 -6.08
C PRO E 142 33.80 17.37 -6.80
N ARG E 143 32.50 17.66 -6.89
CA ARG E 143 31.55 16.69 -7.44
C ARG E 143 31.75 16.50 -8.94
N GLU E 144 32.18 17.54 -9.66
CA GLU E 144 32.32 17.44 -11.10
C GLU E 144 33.41 16.43 -11.46
N ALA E 145 33.09 15.59 -12.45
CA ALA E 145 33.98 14.53 -12.90
C ALA E 145 33.48 14.03 -14.24
N LYS E 146 34.39 13.51 -15.06
CA LYS E 146 34.04 12.97 -16.37
C LYS E 146 34.19 11.46 -16.33
N VAL E 147 33.10 10.75 -16.58
CA VAL E 147 33.09 9.29 -16.62
C VAL E 147 32.66 8.86 -18.01
N GLN E 148 33.54 8.14 -18.70
CA GLN E 148 33.28 7.66 -20.04
C GLN E 148 33.38 6.15 -20.09
N TRP E 149 32.49 5.52 -20.86
CA TRP E 149 32.47 4.08 -21.06
C TRP E 149 33.09 3.75 -22.42
N LYS E 150 34.01 2.78 -22.42
CA LYS E 150 34.63 2.30 -23.65
C LYS E 150 34.49 0.79 -23.70
N VAL E 151 33.88 0.29 -24.78
CA VAL E 151 33.78 -1.14 -25.03
C VAL E 151 34.54 -1.43 -26.31
N ASP E 152 35.54 -2.31 -26.22
CA ASP E 152 36.44 -2.61 -27.34
C ASP E 152 36.96 -1.34 -27.99
N ASN E 153 37.38 -0.39 -27.14
CA ASN E 153 37.93 0.91 -27.50
C ASN E 153 36.89 1.87 -28.09
N ALA E 154 35.62 1.48 -28.15
CA ALA E 154 34.58 2.34 -28.71
C ALA E 154 33.91 3.14 -27.60
N LEU E 155 33.88 4.46 -27.77
CA LEU E 155 33.24 5.32 -26.79
C LEU E 155 31.73 5.11 -26.82
N GLN E 156 31.11 5.08 -25.64
CA GLN E 156 29.69 4.84 -25.51
C GLN E 156 28.94 6.14 -25.24
N SER E 157 27.70 6.19 -25.72
CA SER E 157 26.85 7.36 -25.54
C SER E 157 25.40 6.93 -25.63
N GLY E 158 24.58 7.38 -24.68
CA GLY E 158 23.16 7.10 -24.70
C GLY E 158 22.74 5.79 -24.06
N ASN E 159 23.67 5.05 -23.44
CA ASN E 159 23.33 3.79 -22.80
C ASN E 159 23.86 3.71 -21.37
N SER E 160 24.23 4.85 -20.78
CA SER E 160 24.73 4.90 -19.41
C SER E 160 24.01 5.99 -18.64
N GLN E 161 23.83 5.75 -17.34
CA GLN E 161 23.16 6.69 -16.44
C GLN E 161 24.05 6.95 -15.24
N GLU E 162 24.01 8.19 -14.74
CA GLU E 162 24.79 8.59 -13.59
C GLU E 162 23.89 8.84 -12.39
N SER E 163 24.44 8.59 -11.20
CA SER E 163 23.76 8.86 -9.95
C SER E 163 24.82 9.22 -8.92
N VAL E 164 24.66 10.38 -8.28
CA VAL E 164 25.63 10.88 -7.32
C VAL E 164 24.95 11.00 -5.96
N THR E 165 25.68 10.65 -4.91
CA THR E 165 25.16 10.78 -3.56
C THR E 165 25.21 12.24 -3.11
N GLU E 166 24.46 12.53 -2.04
CA GLU E 166 24.62 13.80 -1.38
C GLU E 166 26.00 13.89 -0.73
N GLN E 167 26.40 15.11 -0.38
CA GLN E 167 27.70 15.31 0.24
C GLN E 167 27.76 14.58 1.57
N ASP E 168 28.81 13.79 1.76
CA ASP E 168 28.92 12.94 2.94
C ASP E 168 28.97 13.79 4.20
N SER E 169 28.38 13.26 5.27
CA SER E 169 28.24 14.03 6.51
C SER E 169 29.56 14.15 7.27
N LYS E 170 30.51 13.26 7.03
CA LYS E 170 31.77 13.26 7.78
C LYS E 170 32.91 13.93 7.00
N ASP E 171 33.29 13.36 5.86
CA ASP E 171 34.41 13.87 5.09
C ASP E 171 33.99 14.80 3.96
N SER E 172 32.69 15.08 3.82
CA SER E 172 32.17 16.04 2.85
C SER E 172 32.52 15.68 1.41
N THR E 173 32.64 14.39 1.12
CA THR E 173 32.96 13.93 -0.23
C THR E 173 31.71 13.44 -0.94
N TYR E 174 31.84 13.25 -2.25
CA TYR E 174 30.78 12.72 -3.08
C TYR E 174 31.14 11.33 -3.56
N SER E 175 30.12 10.56 -3.91
CA SER E 175 30.28 9.27 -4.56
C SER E 175 29.39 9.24 -5.79
N LEU E 176 29.91 8.66 -6.87
CA LEU E 176 29.20 8.64 -8.15
C LEU E 176 29.17 7.22 -8.69
N SER E 177 28.05 6.84 -9.29
CA SER E 177 27.88 5.55 -9.93
C SER E 177 27.42 5.77 -11.36
N SER E 178 28.13 5.16 -12.31
CA SER E 178 27.76 5.16 -13.72
C SER E 178 27.43 3.74 -14.11
N THR E 179 26.23 3.53 -14.64
CA THR E 179 25.71 2.20 -14.95
C THR E 179 25.50 2.08 -16.45
N LEU E 180 26.28 1.23 -17.09
CA LEU E 180 26.13 0.93 -18.51
C LEU E 180 25.15 -0.24 -18.66
N THR E 181 24.04 0.00 -19.34
CA THR E 181 23.00 -1.00 -19.53
C THR E 181 23.01 -1.51 -20.97
N LEU E 182 23.11 -2.83 -21.12
CA LEU E 182 23.12 -3.47 -22.43
C LEU E 182 22.28 -4.74 -22.37
N SER E 183 21.79 -5.14 -23.54
CA SER E 183 21.14 -6.44 -23.67
C SER E 183 22.18 -7.56 -23.66
N LYS E 184 21.71 -8.77 -23.41
CA LYS E 184 22.62 -9.92 -23.39
C LYS E 184 23.30 -10.10 -24.75
N ALA E 185 22.56 -9.90 -25.84
CA ALA E 185 23.15 -10.04 -27.17
C ALA E 185 24.19 -8.96 -27.43
N ASP E 186 23.96 -7.74 -26.96
CA ASP E 186 24.92 -6.66 -27.16
C ASP E 186 26.09 -6.75 -26.18
N TYR E 187 25.86 -7.31 -24.99
CA TYR E 187 26.95 -7.45 -24.03
C TYR E 187 27.95 -8.50 -24.49
N GLU E 188 27.48 -9.58 -25.09
CA GLU E 188 28.35 -10.68 -25.50
C GLU E 188 29.01 -10.44 -26.84
N LYS E 189 28.62 -9.40 -27.57
CA LYS E 189 29.24 -9.07 -28.84
C LYS E 189 30.57 -8.32 -28.69
N HIS E 190 30.95 -7.97 -27.46
CA HIS E 190 32.18 -7.25 -27.18
C HIS E 190 32.99 -8.01 -26.16
N LYS E 191 34.23 -7.55 -25.93
CA LYS E 191 35.15 -8.22 -25.01
C LYS E 191 35.57 -7.32 -23.85
N VAL E 192 36.26 -6.22 -24.12
CA VAL E 192 36.78 -5.35 -23.07
C VAL E 192 35.73 -4.32 -22.71
N TYR E 193 35.52 -4.13 -21.40
CA TYR E 193 34.59 -3.14 -20.88
C TYR E 193 35.35 -2.24 -19.91
N ALA E 194 35.59 -1.00 -20.32
CA ALA E 194 36.45 -0.08 -19.58
C ALA E 194 35.67 1.13 -19.13
N CYS E 195 35.96 1.60 -17.93
CA CYS E 195 35.41 2.83 -17.38
C CYS E 195 36.55 3.82 -17.20
N GLU E 196 36.51 4.91 -17.96
CA GLU E 196 37.55 5.94 -17.90
C GLU E 196 37.04 7.11 -17.07
N VAL E 197 37.81 7.51 -16.07
CA VAL E 197 37.42 8.53 -15.11
C VAL E 197 38.46 9.63 -15.09
N THR E 198 38.02 10.87 -15.23
CA THR E 198 38.88 12.05 -15.14
C THR E 198 38.40 12.93 -14.00
N HIS E 199 39.31 13.27 -13.10
CA HIS E 199 38.97 14.09 -11.94
C HIS E 199 40.17 14.96 -11.58
N GLN E 200 39.89 16.13 -11.01
CA GLN E 200 40.95 17.08 -10.68
C GLN E 200 41.93 16.50 -9.66
N GLY E 201 41.46 15.60 -8.79
CA GLY E 201 42.35 14.95 -7.85
C GLY E 201 43.27 13.91 -8.47
N LEU E 202 43.11 13.61 -9.74
CA LEU E 202 43.94 12.65 -10.45
C LEU E 202 44.89 13.37 -11.38
N SER E 203 46.13 12.86 -11.47
CA SER E 203 47.10 13.47 -12.38
C SER E 203 46.74 13.20 -13.83
N SER E 204 46.06 12.10 -14.12
CA SER E 204 45.68 11.72 -15.47
C SER E 204 44.44 10.84 -15.38
N PRO E 205 43.71 10.68 -16.49
CA PRO E 205 42.54 9.80 -16.45
C PRO E 205 42.92 8.38 -16.05
N VAL E 206 42.09 7.80 -15.19
CA VAL E 206 42.28 6.43 -14.71
C VAL E 206 41.25 5.54 -15.39
N THR E 207 41.65 4.32 -15.73
CA THR E 207 40.80 3.38 -16.45
C THR E 207 40.72 2.09 -15.65
N LYS E 208 39.52 1.75 -15.21
CA LYS E 208 39.23 0.46 -14.61
C LYS E 208 38.44 -0.36 -15.62
N SER E 209 38.96 -1.54 -15.95
CA SER E 209 38.39 -2.36 -17.01
C SER E 209 38.38 -3.81 -16.59
N PHE E 210 37.69 -4.61 -17.39
CA PHE E 210 37.66 -6.05 -17.24
C PHE E 210 37.37 -6.65 -18.60
N ASN E 211 37.44 -7.98 -18.69
CA ASN E 211 37.11 -8.67 -19.92
C ASN E 211 35.90 -9.55 -19.67
N ARG E 212 35.10 -9.73 -20.71
CA ARG E 212 33.86 -10.47 -20.60
C ARG E 212 34.14 -11.96 -20.34
N GLY E 213 33.64 -12.46 -19.22
CA GLY E 213 33.77 -13.84 -18.83
C GLY E 213 35.06 -14.23 -18.13
N GLU E 214 35.88 -13.25 -17.75
CA GLU E 214 37.08 -13.50 -16.98
C GLU E 214 36.78 -13.33 -15.49
N CYS E 215 37.73 -13.73 -14.66
CA CYS E 215 37.54 -13.71 -13.21
C CYS E 215 37.59 -12.30 -12.64
S SO4 G . -26.82 -12.67 38.63
O1 SO4 G . -25.56 -12.37 39.30
O2 SO4 G . -26.88 -11.97 37.35
O3 SO4 G . -26.92 -14.11 38.41
O4 SO4 G . -27.93 -12.22 39.47
S SO4 H . -41.31 -3.93 15.54
O1 SO4 H . -40.55 -4.05 16.78
O2 SO4 H . -40.74 -2.87 14.72
O3 SO4 H . -41.25 -5.19 14.82
O4 SO4 H . -42.70 -3.61 15.86
S SO4 I . -16.56 -10.69 54.95
O1 SO4 I . -15.48 -9.72 54.80
O2 SO4 I . -16.76 -11.39 53.68
O3 SO4 I . -16.21 -11.66 55.98
O4 SO4 I . -17.79 -10.00 55.31
N GLY J . -15.22 -5.83 45.94
CA GLY J . -15.77 -6.17 47.24
C GLY J . -15.46 -5.13 48.31
O GLY J . -15.34 -3.94 48.00
S SO4 K . 23.49 32.16 18.51
O1 SO4 K . 24.56 32.76 19.28
O2 SO4 K . 23.34 32.87 17.24
O3 SO4 K . 23.78 30.76 18.24
O4 SO4 K . 22.23 32.26 19.26
S SO4 L . 5.34 48.51 1.45
O1 SO4 L . 5.99 48.14 0.19
O2 SO4 L . 5.12 49.95 1.47
O3 SO4 L . 6.19 48.14 2.57
O4 SO4 L . 4.06 47.83 1.56
S SO4 M . -12.37 62.00 5.68
O1 SO4 M . -11.30 63.00 5.64
O2 SO4 M . -12.33 61.20 4.46
O3 SO4 M . -12.18 61.13 6.85
O4 SO4 M . -13.66 62.67 5.80
#